data_5WRJ
#
_entry.id   5WRJ
#
_cell.length_a   51.668
_cell.length_b   93.263
_cell.length_c   93.012
_cell.angle_alpha   90.60
_cell.angle_beta   93.39
_cell.angle_gamma   103.39
#
_symmetry.space_group_name_H-M   'P 1'
#
loop_
_entity.id
_entity.type
_entity.pdbx_description
1 polymer 'Protein-tyrosine sulfotransferase 1'
2 polymer 'gastrin peptide'
3 non-polymer "ADENOSINE-3'-5'-DIPHOSPHATE"
4 non-polymer 'MAGNESIUM ION'
5 water water
#
loop_
_entity_poly.entity_id
_entity_poly.type
_entity_poly.pdbx_seq_one_letter_code
_entity_poly.pdbx_strand_id
1 'polypeptide(L)'
;GSHMKLESTRTTVRTGLDLKANKTFAYHKDMPLIFIGGVPRSGTTLMRAMLDAHPDIRCGEETRVIPRILALKQMWSRSS
KEKIRLDEAGVTDEVLDSAMQAFLLEIIVKHGEPAPYLCNKDPFALKSLTYLSRLFPNAKFLLMVRDGRASVHSMISRKV
TIAGFDLNSYRDCLTKWNRAIETMYNQCMEVGYKKCMLVHYEQLVLHPERWMRTLLKFLQIPWNHSVLHHEEMIGKAGGV
SLSKVERSTDQVIKPVNVGALSKWVGKIPPDVLQDMAVIAPMLAKLGYDPYANPPNYGKPDPK
;
A,B,C,D
2 'polypeptide(L)' EEEEEAYGWMDF F,H,J,L
#
# COMPACT_ATOMS: atom_id res chain seq x y z
N ALA A 26 -19.04 8.67 26.95
CA ALA A 26 -18.54 8.81 28.37
C ALA A 26 -17.06 8.43 28.47
N TYR A 27 -16.28 9.27 29.15
CA TYR A 27 -14.83 9.07 29.25
C TYR A 27 -14.23 9.70 30.50
N HIS A 28 -13.21 9.05 31.03
CA HIS A 28 -12.54 9.47 32.27
C HIS A 28 -11.15 8.84 32.38
N LYS A 29 -10.35 9.33 33.33
CA LYS A 29 -8.95 8.89 33.47
C LYS A 29 -8.77 7.41 33.88
N ASP A 30 -9.72 6.85 34.62
CA ASP A 30 -9.69 5.42 35.00
C ASP A 30 -10.22 4.46 33.93
N MET A 31 -10.67 4.94 32.76
CA MET A 31 -11.24 4.08 31.73
C MET A 31 -10.17 3.14 31.13
N PRO A 32 -10.58 1.97 30.60
CA PRO A 32 -9.61 1.03 30.03
C PRO A 32 -9.07 1.49 28.67
N LEU A 33 -7.90 2.11 28.67
CA LEU A 33 -7.26 2.57 27.44
C LEU A 33 -6.26 1.56 26.91
N ILE A 34 -5.98 1.64 25.61
CA ILE A 34 -4.93 0.84 24.98
C ILE A 34 -3.94 1.80 24.31
N PHE A 35 -2.66 1.68 24.68
CA PHE A 35 -1.60 2.45 24.04
C PHE A 35 -0.69 1.49 23.29
N ILE A 36 -0.64 1.64 21.97
CA ILE A 36 0.28 0.89 21.12
C ILE A 36 1.47 1.79 20.87
N GLY A 37 2.66 1.21 20.82
CA GLY A 37 3.84 1.96 20.44
C GLY A 37 5.06 1.12 20.17
N GLY A 38 6.22 1.78 20.19
CA GLY A 38 7.49 1.18 19.80
C GLY A 38 8.24 2.12 18.89
N VAL A 39 9.32 1.65 18.29
CA VAL A 39 10.10 2.47 17.37
C VAL A 39 9.33 2.50 16.04
N PRO A 40 9.25 3.66 15.36
CA PRO A 40 8.64 3.67 14.03
C PRO A 40 9.25 2.63 13.08
N ARG A 41 8.43 2.12 12.16
CA ARG A 41 8.77 0.99 11.27
C ARG A 41 8.94 -0.34 12.03
N SER A 42 8.07 -0.57 13.03
CA SER A 42 8.04 -1.81 13.80
C SER A 42 6.69 -2.52 13.73
N GLY A 43 5.88 -2.18 12.74
CA GLY A 43 4.55 -2.79 12.57
C GLY A 43 3.47 -2.25 13.50
N THR A 44 3.60 -0.99 13.91
CA THR A 44 2.63 -0.39 14.84
C THR A 44 1.31 -0.04 14.14
N THR A 45 1.37 0.41 12.88
CA THR A 45 0.17 0.70 12.10
C THR A 45 -0.62 -0.59 11.84
N LEU A 46 0.07 -1.64 11.43
CA LEU A 46 -0.56 -2.94 11.27
C LEU A 46 -1.23 -3.38 12.57
N MET A 47 -0.51 -3.25 13.68
CA MET A 47 -1.03 -3.61 15.00
C MET A 47 -2.33 -2.89 15.30
N ARG A 48 -2.34 -1.57 15.15
CA ARG A 48 -3.55 -0.77 15.42
C ARG A 48 -4.66 -1.04 14.42
N ALA A 49 -4.32 -1.25 13.15
CA ALA A 49 -5.30 -1.58 12.12
C ALA A 49 -5.99 -2.91 12.40
N MET A 50 -5.21 -3.92 12.82
CA MET A 50 -5.77 -5.22 13.22
C MET A 50 -6.75 -5.06 14.38
N LEU A 51 -6.41 -4.22 15.35
CA LEU A 51 -7.34 -3.91 16.44
C LEU A 51 -8.53 -3.07 16.01
N ASP A 52 -8.31 -2.11 15.11
CA ASP A 52 -9.42 -1.34 14.52
C ASP A 52 -10.45 -2.19 13.77
N ALA A 53 -10.01 -3.34 13.24
CA ALA A 53 -10.93 -4.27 12.58
C ALA A 53 -11.88 -4.95 13.57
N HIS A 54 -11.48 -5.02 14.84
CA HIS A 54 -12.39 -5.45 15.91
C HIS A 54 -13.50 -4.39 16.00
N PRO A 55 -14.79 -4.82 15.92
CA PRO A 55 -15.88 -3.84 15.86
C PRO A 55 -16.03 -2.99 17.14
N ASP A 56 -15.70 -3.58 18.28
CA ASP A 56 -15.71 -2.88 19.57
C ASP A 56 -14.46 -2.04 19.92
N ILE A 57 -13.45 -2.00 19.06
CA ILE A 57 -12.23 -1.24 19.31
C ILE A 57 -12.04 -0.15 18.25
N ARG A 58 -11.76 1.07 18.70
CA ARG A 58 -11.28 2.15 17.83
C ARG A 58 -9.93 2.63 18.30
N CYS A 59 -8.99 2.72 17.37
CA CYS A 59 -7.67 3.27 17.62
C CYS A 59 -7.47 4.54 16.82
N GLY A 60 -7.66 4.44 15.52
CA GLY A 60 -7.59 5.58 14.63
C GLY A 60 -6.16 5.93 14.27
N GLU A 61 -6.01 7.11 13.69
CA GLU A 61 -4.74 7.54 13.12
C GLU A 61 -3.83 8.07 14.20
N GLU A 62 -2.55 8.24 13.86
CA GLU A 62 -1.56 8.79 14.78
C GLU A 62 -1.88 10.26 15.08
N THR A 63 -2.02 10.59 16.36
CA THR A 63 -2.41 11.93 16.77
C THR A 63 -1.29 12.94 16.54
N ARG A 64 -0.05 12.52 16.74
CA ARG A 64 1.17 13.34 16.53
C ARG A 64 1.45 14.31 17.68
N VAL A 65 0.40 14.98 18.16
CA VAL A 65 0.49 15.87 19.32
C VAL A 65 0.79 15.16 20.64
N ILE A 66 0.39 13.91 20.78
CA ILE A 66 0.50 13.19 22.06
C ILE A 66 1.96 12.94 22.49
N PRO A 67 2.81 12.42 21.59
CA PRO A 67 4.24 12.32 21.94
C PRO A 67 4.92 13.64 22.26
N ARG A 68 4.48 14.72 21.62
CA ARG A 68 5.11 16.04 21.77
C ARG A 68 4.79 16.69 23.10
N ILE A 69 3.52 16.64 23.50
CA ILE A 69 3.12 17.14 24.82
C ILE A 69 3.66 16.27 25.96
N LEU A 70 3.74 14.95 25.73
CA LEU A 70 4.38 14.04 26.70
C LEU A 70 5.88 14.35 26.85
N ALA A 71 6.56 14.57 25.72
CA ALA A 71 7.98 14.95 25.73
C ALA A 71 8.20 16.28 26.44
N LEU A 72 7.35 17.26 26.15
CA LEU A 72 7.40 18.59 26.79
C LEU A 72 7.30 18.45 28.32
N LYS A 73 6.29 17.71 28.76
CA LYS A 73 6.06 17.41 30.18
C LYS A 73 7.29 16.75 30.82
N GLN A 74 7.83 15.74 30.14
CA GLN A 74 9.01 15.00 30.59
C GLN A 74 10.22 15.91 30.85
N MET A 75 10.42 16.92 30.01
CA MET A 75 11.50 17.89 30.19
C MET A 75 11.35 18.73 31.47
N TRP A 76 10.12 19.09 31.82
CA TRP A 76 9.85 19.86 33.03
C TRP A 76 10.12 19.06 34.30
N SER A 77 9.74 17.78 34.30
CA SER A 77 9.91 16.89 35.46
C SER A 77 11.34 16.40 35.65
N ARG A 78 12.09 16.22 34.57
CA ARG A 78 13.50 15.80 34.65
C ARG A 78 14.38 16.91 35.25
N SER A 79 14.14 18.15 34.84
CA SER A 79 14.89 19.31 35.34
C SER A 79 14.51 19.64 36.79
N SER A 80 15.42 19.37 37.72
CA SER A 80 15.17 19.61 39.15
C SER A 80 15.08 21.09 39.51
N LYS A 81 15.76 21.94 38.73
CA LYS A 81 15.64 23.40 38.86
C LYS A 81 14.22 23.86 38.49
N GLU A 82 13.73 23.40 37.34
CA GLU A 82 12.39 23.75 36.85
C GLU A 82 11.27 23.15 37.70
N LYS A 83 11.49 21.96 38.24
CA LYS A 83 10.52 21.28 39.12
C LYS A 83 10.28 22.07 40.42
N ILE A 84 11.33 22.69 40.94
CA ILE A 84 11.23 23.59 42.11
C ILE A 84 10.35 24.80 41.82
N ARG A 85 10.50 25.38 40.63
CA ARG A 85 9.79 26.61 40.25
C ARG A 85 8.29 26.40 40.04
N LEU A 86 7.94 25.31 39.37
CA LEU A 86 6.54 24.95 39.14
C LEU A 86 5.82 24.61 40.43
N ASP A 87 6.51 23.91 41.32
CA ASP A 87 5.96 23.61 42.66
C ASP A 87 5.83 24.87 43.52
N GLU A 88 6.77 25.80 43.40
CA GLU A 88 6.65 27.12 44.04
C GLU A 88 5.49 27.97 43.48
N ALA A 89 5.10 27.69 42.24
CA ALA A 89 3.92 28.31 41.62
C ALA A 89 2.59 27.56 41.85
N GLY A 90 2.61 26.50 42.66
CA GLY A 90 1.45 25.65 42.85
C GLY A 90 1.15 24.66 41.73
N VAL A 91 2.00 24.62 40.70
CA VAL A 91 1.82 23.70 39.57
C VAL A 91 2.56 22.42 39.94
N THR A 92 1.95 21.64 40.83
CA THR A 92 2.57 20.44 41.38
C THR A 92 2.36 19.27 40.42
N ASP A 93 2.93 18.11 40.76
CA ASP A 93 2.71 16.87 40.01
C ASP A 93 1.21 16.59 39.87
N GLU A 94 0.48 16.64 40.97
CA GLU A 94 -0.97 16.41 40.97
C GLU A 94 -1.74 17.35 40.03
N VAL A 95 -1.32 18.61 39.97
CA VAL A 95 -1.93 19.62 39.07
C VAL A 95 -1.58 19.32 37.62
N LEU A 96 -0.29 19.14 37.33
CA LEU A 96 0.19 18.77 36.00
C LEU A 96 -0.41 17.46 35.46
N ASP A 97 -0.47 16.44 36.32
CA ASP A 97 -1.01 15.14 35.96
C ASP A 97 -2.50 15.22 35.64
N SER A 98 -3.22 16.09 36.34
CA SER A 98 -4.63 16.37 36.02
C SER A 98 -4.79 17.09 34.68
N ALA A 99 -3.92 18.06 34.43
CA ALA A 99 -3.93 18.80 33.17
C ALA A 99 -3.57 17.88 31.98
N MET A 100 -2.57 17.02 32.17
CA MET A 100 -2.17 16.04 31.14
C MET A 100 -3.28 15.03 30.86
N GLN A 101 -3.86 14.47 31.92
CA GLN A 101 -5.03 13.58 31.82
C GLN A 101 -6.16 14.17 30.98
N ALA A 102 -6.48 15.44 31.23
CA ALA A 102 -7.57 16.12 30.52
C ALA A 102 -7.23 16.35 29.04
N PHE A 103 -6.01 16.83 28.77
CA PHE A 103 -5.55 17.05 27.41
C PHE A 103 -5.55 15.76 26.59
N LEU A 104 -4.86 14.74 27.11
CA LEU A 104 -4.67 13.47 26.39
C LEU A 104 -6.00 12.75 26.11
N LEU A 105 -6.93 12.81 27.05
CA LEU A 105 -8.26 12.22 26.86
C LEU A 105 -9.09 12.96 25.80
N GLU A 106 -8.96 14.28 25.73
CA GLU A 106 -9.65 15.07 24.71
C GLU A 106 -9.17 14.72 23.29
N ILE A 107 -7.87 14.51 23.13
CA ILE A 107 -7.34 14.06 21.84
C ILE A 107 -7.85 12.65 21.55
N ILE A 108 -7.59 11.73 22.47
CA ILE A 108 -7.90 10.30 22.27
C ILE A 108 -9.39 10.06 21.97
N VAL A 109 -10.27 10.65 22.77
CA VAL A 109 -11.71 10.44 22.62
C VAL A 109 -12.27 11.16 21.38
N LYS A 110 -11.90 12.41 21.17
CA LYS A 110 -12.55 13.24 20.15
C LYS A 110 -11.95 13.14 18.73
N HIS A 111 -10.72 12.65 18.57
CA HIS A 111 -10.09 12.58 17.23
C HIS A 111 -10.63 11.44 16.35
N GLY A 112 -11.34 10.48 16.96
CA GLY A 112 -11.96 9.38 16.21
C GLY A 112 -13.38 9.10 16.66
N GLU A 113 -13.98 8.09 16.05
CA GLU A 113 -15.35 7.69 16.35
C GLU A 113 -15.39 6.96 17.71
N PRO A 114 -16.51 7.07 18.44
CA PRO A 114 -16.58 6.44 19.76
C PRO A 114 -16.63 4.90 19.69
N ALA A 115 -16.15 4.25 20.73
CA ALA A 115 -16.11 2.80 20.78
C ALA A 115 -16.01 2.31 22.22
N PRO A 116 -16.44 1.05 22.49
CA PRO A 116 -16.28 0.44 23.81
C PRO A 116 -14.86 0.47 24.37
N TYR A 117 -13.88 0.21 23.50
CA TYR A 117 -12.47 0.15 23.88
C TYR A 117 -11.67 1.14 23.05
N LEU A 118 -11.27 2.23 23.68
CA LEU A 118 -10.47 3.24 22.97
C LEU A 118 -9.00 2.88 22.95
N CYS A 119 -8.36 3.16 21.82
CA CYS A 119 -6.98 2.83 21.59
C CYS A 119 -6.24 4.05 21.08
N ASN A 120 -4.93 4.09 21.29
CA ASN A 120 -4.08 5.14 20.77
C ASN A 120 -2.77 4.58 20.28
N LYS A 121 -2.43 4.86 19.02
CA LYS A 121 -1.14 4.47 18.46
C LYS A 121 -0.36 5.73 18.14
N ASP A 122 0.66 5.97 18.95
CA ASP A 122 1.71 6.94 18.64
C ASP A 122 3.00 6.24 19.07
N PRO A 123 3.89 5.93 18.11
CA PRO A 123 5.06 5.10 18.43
C PRO A 123 5.82 5.55 19.68
N PHE A 124 6.23 6.82 19.71
CA PHE A 124 7.03 7.33 20.82
C PHE A 124 6.25 7.79 22.07
N ALA A 125 4.94 7.59 22.11
CA ALA A 125 4.17 7.80 23.35
C ALA A 125 4.65 6.88 24.49
N LEU A 126 5.14 5.70 24.13
CA LEU A 126 5.67 4.72 25.09
C LEU A 126 7.09 5.03 25.60
N LYS A 127 7.71 6.14 25.15
CA LYS A 127 8.84 6.74 25.89
C LYS A 127 8.37 7.38 27.21
N SER A 128 7.05 7.57 27.36
CA SER A 128 6.43 7.95 28.62
C SER A 128 5.46 6.86 29.11
N LEU A 129 5.83 5.59 28.92
CA LEU A 129 4.94 4.46 29.22
C LEU A 129 4.58 4.41 30.71
N THR A 130 5.60 4.47 31.56
CA THR A 130 5.41 4.43 33.02
C THR A 130 4.56 5.60 33.51
N TYR A 131 4.78 6.78 32.93
CA TYR A 131 4.01 7.97 33.26
C TYR A 131 2.54 7.81 32.85
N LEU A 132 2.32 7.31 31.64
CA LEU A 132 0.95 7.04 31.15
C LEU A 132 0.24 5.98 31.98
N SER A 133 1.00 5.00 32.47
CA SER A 133 0.48 3.97 33.37
C SER A 133 -0.01 4.56 34.70
N ARG A 134 0.70 5.58 35.18
CA ARG A 134 0.31 6.33 36.38
C ARG A 134 -0.90 7.24 36.12
N LEU A 135 -0.86 8.00 35.02
CA LEU A 135 -1.98 8.87 34.62
C LEU A 135 -3.27 8.10 34.33
N PHE A 136 -3.14 6.91 33.76
CA PHE A 136 -4.29 6.09 33.36
C PHE A 136 -4.14 4.69 33.96
N PRO A 137 -4.60 4.49 35.22
CA PRO A 137 -4.32 3.26 35.96
C PRO A 137 -4.80 1.95 35.33
N ASN A 138 -5.88 1.97 34.56
CA ASN A 138 -6.39 0.76 33.90
C ASN A 138 -6.02 0.65 32.42
N ALA A 139 -5.13 1.53 31.94
CA ALA A 139 -4.63 1.45 30.58
C ALA A 139 -3.69 0.27 30.43
N LYS A 140 -3.76 -0.39 29.28
CA LYS A 140 -2.85 -1.47 28.94
C LYS A 140 -1.99 -1.06 27.75
N PHE A 141 -0.78 -1.60 27.69
CA PHE A 141 0.23 -1.13 26.74
C PHE A 141 0.68 -2.27 25.84
N LEU A 142 0.82 -1.97 24.55
CA LEU A 142 1.42 -2.90 23.60
C LEU A 142 2.66 -2.26 23.00
N LEU A 143 3.82 -2.77 23.40
CA LEU A 143 5.10 -2.36 22.84
C LEU A 143 5.44 -3.29 21.68
N MET A 144 5.37 -2.77 20.47
CA MET A 144 5.78 -3.48 19.27
C MET A 144 7.29 -3.50 19.16
N VAL A 145 7.84 -4.68 18.93
CA VAL A 145 9.26 -4.89 18.78
C VAL A 145 9.50 -5.51 17.41
N ARG A 146 10.46 -4.96 16.67
CA ARG A 146 10.88 -5.52 15.39
C ARG A 146 12.39 -5.58 15.35
N ASP A 147 12.94 -6.52 14.60
CA ASP A 147 14.38 -6.60 14.38
C ASP A 147 14.84 -5.22 13.97
N GLY A 148 15.74 -4.62 14.77
CA GLY A 148 16.23 -3.26 14.53
C GLY A 148 16.80 -3.03 13.14
N ARG A 149 17.40 -4.08 12.58
CA ARG A 149 17.90 -4.05 11.21
C ARG A 149 16.77 -3.89 10.19
N ALA A 150 15.60 -4.48 10.47
CA ALA A 150 14.41 -4.28 9.64
C ALA A 150 13.81 -2.88 9.78
N SER A 151 13.71 -2.37 11.01
CA SER A 151 13.19 -1.03 11.24
C SER A 151 14.06 0.04 10.62
N VAL A 152 15.37 -0.06 10.85
CA VAL A 152 16.35 0.89 10.31
C VAL A 152 16.38 0.85 8.78
N HIS A 153 16.46 -0.34 8.20
CA HIS A 153 16.42 -0.48 6.75
C HIS A 153 15.15 0.14 6.15
N SER A 154 14.02 -0.13 6.79
CA SER A 154 12.71 0.40 6.37
C SER A 154 12.74 1.92 6.34
N MET A 155 13.13 2.53 7.46
CA MET A 155 13.14 4.00 7.55
C MET A 155 14.13 4.65 6.57
N ILE A 156 15.24 3.95 6.27
CA ILE A 156 16.23 4.46 5.32
C ILE A 156 15.77 4.31 3.86
N SER A 157 15.32 3.11 3.50
CA SER A 157 14.89 2.83 2.11
C SER A 157 13.61 3.54 1.68
N ARG A 158 12.68 3.73 2.61
CA ARG A 158 11.46 4.49 2.36
C ARG A 158 11.58 5.99 2.67
N LYS A 159 12.72 6.42 3.22
CA LYS A 159 13.00 7.82 3.55
C LYS A 159 11.96 8.40 4.52
N VAL A 160 11.74 7.65 5.60
CA VAL A 160 10.84 8.04 6.68
C VAL A 160 11.67 8.81 7.70
N THR A 161 11.41 10.12 7.78
CA THR A 161 12.18 11.02 8.65
C THR A 161 11.72 10.91 10.11
N ILE A 162 12.68 10.70 11.00
CA ILE A 162 12.44 10.70 12.46
C ILE A 162 13.46 11.64 13.07
N ALA A 163 13.03 12.47 14.03
CA ALA A 163 13.90 13.49 14.61
C ALA A 163 15.08 12.85 15.37
N GLY A 164 16.29 13.25 15.02
CA GLY A 164 17.51 12.67 15.60
C GLY A 164 18.10 11.50 14.84
N PHE A 165 17.29 10.82 14.03
CA PHE A 165 17.76 9.72 13.18
C PHE A 165 18.33 10.29 11.88
N ASP A 166 19.61 9.98 11.61
CA ASP A 166 20.28 10.36 10.37
C ASP A 166 20.09 9.22 9.35
N LEU A 167 19.21 9.43 8.37
CA LEU A 167 18.87 8.40 7.38
C LEU A 167 19.98 8.07 6.38
N ASN A 168 21.04 8.88 6.34
CA ASN A 168 22.24 8.56 5.56
C ASN A 168 23.21 7.61 6.27
N SER A 169 22.89 7.19 7.50
CA SER A 169 23.74 6.29 8.29
C SER A 169 22.94 5.18 8.97
N TYR A 170 23.19 3.94 8.55
CA TYR A 170 22.68 2.74 9.25
C TYR A 170 23.23 2.64 10.68
N ARG A 171 24.49 3.04 10.87
CA ARG A 171 25.15 3.02 12.18
C ARG A 171 24.42 3.96 13.13
N ASP A 172 24.19 5.20 12.69
CA ASP A 172 23.48 6.18 13.52
C ASP A 172 22.02 5.81 13.79
N CYS A 173 21.35 5.24 12.79
CA CYS A 173 19.96 4.80 12.96
C CYS A 173 19.82 3.62 13.92
N LEU A 174 20.72 2.63 13.81
CA LEU A 174 20.73 1.49 14.74
C LEU A 174 21.06 1.89 16.19
N THR A 175 21.93 2.90 16.35
CA THR A 175 22.24 3.45 17.66
C THR A 175 21.03 4.14 18.29
N LYS A 176 20.34 4.97 17.49
CA LYS A 176 19.13 5.66 17.96
C LYS A 176 17.98 4.69 18.19
N TRP A 177 17.84 3.71 17.29
CA TRP A 177 16.90 2.59 17.49
C TRP A 177 17.12 1.92 18.83
N ASN A 178 18.37 1.56 19.08
CA ASN A 178 18.80 0.91 20.31
C ASN A 178 18.43 1.68 21.57
N ARG A 179 18.68 2.99 21.57
CA ARG A 179 18.41 3.85 22.73
C ARG A 179 16.92 3.98 22.96
N ALA A 180 16.16 4.13 21.88
CA ALA A 180 14.71 4.29 21.96
C ALA A 180 14.03 3.04 22.47
N ILE A 181 14.34 1.90 21.86
CA ILE A 181 13.73 0.62 22.26
C ILE A 181 14.14 0.21 23.68
N GLU A 182 15.39 0.48 24.06
CA GLU A 182 15.87 0.21 25.43
C GLU A 182 15.06 0.97 26.48
N THR A 183 14.81 2.26 26.23
CA THR A 183 13.99 3.10 27.11
C THR A 183 12.56 2.55 27.27
N MET A 184 11.94 2.20 26.14
CA MET A 184 10.56 1.69 26.14
C MET A 184 10.44 0.27 26.69
N TYR A 185 11.38 -0.60 26.31
CA TYR A 185 11.49 -1.95 26.85
C TYR A 185 11.60 -1.95 28.38
N ASN A 186 12.53 -1.14 28.90
CA ASN A 186 12.73 -1.03 30.35
C ASN A 186 11.47 -0.59 31.09
N GLN A 187 10.76 0.38 30.51
CA GLN A 187 9.49 0.84 31.07
C GLN A 187 8.39 -0.21 30.95
N CYS A 188 8.37 -0.94 29.83
CA CYS A 188 7.47 -2.08 29.67
C CYS A 188 7.69 -3.14 30.75
N MET A 189 8.94 -3.53 30.97
CA MET A 189 9.28 -4.52 32.02
C MET A 189 9.01 -3.98 33.43
N GLU A 190 9.18 -2.68 33.63
CA GLU A 190 8.94 -2.04 34.94
C GLU A 190 7.46 -2.13 35.37
N VAL A 191 6.55 -1.76 34.47
CA VAL A 191 5.11 -1.78 34.78
C VAL A 191 4.54 -3.19 34.93
N GLY A 192 5.20 -4.17 34.31
CA GLY A 192 4.90 -5.59 34.52
C GLY A 192 4.00 -6.21 33.48
N TYR A 193 3.92 -7.54 33.51
CA TYR A 193 3.26 -8.34 32.48
C TYR A 193 1.74 -8.11 32.33
N LYS A 194 1.07 -7.68 33.39
CA LYS A 194 -0.36 -7.38 33.33
C LYS A 194 -0.69 -6.03 32.66
N LYS A 195 0.25 -5.09 32.75
CA LYS A 195 0.09 -3.76 32.16
C LYS A 195 0.70 -3.65 30.76
N CYS A 196 1.86 -4.27 30.54
CA CYS A 196 2.55 -4.19 29.24
C CYS A 196 2.90 -5.57 28.66
N MET A 197 2.69 -5.69 27.35
CA MET A 197 3.01 -6.90 26.60
C MET A 197 3.94 -6.55 25.43
N LEU A 198 5.13 -7.16 25.41
CA LEU A 198 5.99 -7.15 24.24
C LEU A 198 5.33 -7.94 23.11
N VAL A 199 5.27 -7.34 21.92
CA VAL A 199 4.70 -7.97 20.74
C VAL A 199 5.74 -7.94 19.64
N HIS A 200 6.26 -9.12 19.29
CA HIS A 200 7.26 -9.25 18.22
C HIS A 200 6.59 -9.25 16.86
N TYR A 201 6.89 -8.23 16.05
CA TYR A 201 6.32 -8.07 14.69
C TYR A 201 6.44 -9.33 13.86
N GLU A 202 7.61 -9.94 13.89
CA GLU A 202 7.88 -11.13 13.09
C GLU A 202 6.96 -12.27 13.51
N GLN A 203 6.79 -12.43 14.83
CA GLN A 203 5.90 -13.45 15.38
C GLN A 203 4.45 -13.18 15.06
N LEU A 204 4.05 -11.91 15.08
CA LEU A 204 2.71 -11.49 14.68
C LEU A 204 2.39 -11.86 13.23
N VAL A 205 3.30 -11.52 12.30
CA VAL A 205 3.06 -11.80 10.87
C VAL A 205 3.21 -13.30 10.53
N LEU A 206 4.06 -14.00 11.28
CA LEU A 206 4.25 -15.44 11.12
C LEU A 206 3.08 -16.25 11.69
N HIS A 207 2.52 -15.79 12.80
CA HIS A 207 1.45 -16.51 13.50
C HIS A 207 0.32 -15.57 13.96
N PRO A 208 -0.35 -14.89 13.02
CA PRO A 208 -1.32 -13.82 13.37
C PRO A 208 -2.52 -14.24 14.23
N GLU A 209 -3.05 -15.44 14.02
CA GLU A 209 -4.16 -15.93 14.84
C GLU A 209 -3.70 -16.22 16.27
N ARG A 210 -2.54 -16.86 16.40
CA ARG A 210 -1.97 -17.18 17.71
C ARG A 210 -1.76 -15.91 18.57
N TRP A 211 -1.15 -14.89 17.97
CA TRP A 211 -0.82 -13.66 18.71
C TRP A 211 -1.98 -12.71 18.93
N MET A 212 -2.88 -12.57 17.96
CA MET A 212 -4.09 -11.77 18.18
C MET A 212 -4.96 -12.38 19.30
N ARG A 213 -5.02 -13.70 19.37
CA ARG A 213 -5.71 -14.38 20.46
C ARG A 213 -5.09 -14.07 21.82
N THR A 214 -3.75 -14.14 21.90
CA THR A 214 -3.03 -13.78 23.13
C THR A 214 -3.20 -12.30 23.49
N LEU A 215 -3.15 -11.43 22.48
CA LEU A 215 -3.34 -9.98 22.69
C LEU A 215 -4.72 -9.62 23.23
N LEU A 216 -5.77 -10.15 22.61
CA LEU A 216 -7.13 -9.87 23.06
C LEU A 216 -7.41 -10.46 24.46
N LYS A 217 -6.82 -11.61 24.77
CA LYS A 217 -6.90 -12.17 26.14
C LYS A 217 -6.15 -11.28 27.14
N PHE A 218 -5.00 -10.77 26.74
CA PHE A 218 -4.23 -9.81 27.55
C PHE A 218 -5.02 -8.50 27.78
N LEU A 219 -5.61 -7.98 26.71
CA LEU A 219 -6.46 -6.78 26.78
C LEU A 219 -7.83 -6.99 27.44
N GLN A 220 -8.23 -8.25 27.63
CA GLN A 220 -9.53 -8.61 28.21
C GLN A 220 -10.68 -8.08 27.35
N ILE A 221 -10.59 -8.40 26.07
CA ILE A 221 -11.59 -8.06 25.06
C ILE A 221 -11.93 -9.38 24.37
N PRO A 222 -13.24 -9.66 24.17
CA PRO A 222 -13.62 -10.93 23.52
C PRO A 222 -13.04 -11.10 22.12
N TRP A 223 -12.74 -12.35 21.76
CA TRP A 223 -12.23 -12.69 20.44
C TRP A 223 -13.23 -12.38 19.33
N ASN A 224 -12.72 -11.80 18.24
CA ASN A 224 -13.48 -11.62 17.00
C ASN A 224 -12.54 -11.81 15.81
N HIS A 225 -12.90 -12.76 14.94
CA HIS A 225 -12.08 -13.11 13.78
C HIS A 225 -11.76 -11.95 12.82
N SER A 226 -12.59 -10.90 12.83
CA SER A 226 -12.38 -9.75 11.93
C SER A 226 -11.03 -9.07 12.09
N VAL A 227 -10.36 -9.21 13.24
CA VAL A 227 -8.98 -8.71 13.41
C VAL A 227 -7.98 -9.33 12.42
N LEU A 228 -8.28 -10.55 11.94
CA LEU A 228 -7.48 -11.25 10.93
C LEU A 228 -7.89 -10.92 9.49
N HIS A 229 -8.96 -10.15 9.31
CA HIS A 229 -9.41 -9.64 8.00
C HIS A 229 -9.43 -8.11 7.98
N HIS A 230 -8.36 -7.49 8.50
N HIS A 230 -8.37 -7.48 8.50
CA HIS A 230 -8.27 -6.03 8.62
CA HIS A 230 -8.31 -6.02 8.61
C HIS A 230 -8.34 -5.31 7.26
C HIS A 230 -8.33 -5.30 7.26
N GLU A 231 -7.82 -5.96 6.22
CA GLU A 231 -7.89 -5.42 4.84
C GLU A 231 -9.33 -5.29 4.26
N GLU A 232 -10.27 -6.08 4.78
CA GLU A 232 -11.69 -6.00 4.40
C GLU A 232 -12.49 -4.97 5.21
N MET A 233 -11.89 -4.44 6.28
CA MET A 233 -12.50 -3.39 7.11
C MET A 233 -11.91 -2.00 6.87
N ILE A 234 -11.19 -1.81 5.75
CA ILE A 234 -10.51 -0.54 5.48
C ILE A 234 -11.53 0.52 5.07
N GLY A 235 -11.60 1.60 5.85
CA GLY A 235 -12.52 2.71 5.58
C GLY A 235 -13.99 2.44 5.84
N LYS A 236 -14.29 1.36 6.58
CA LYS A 236 -15.67 0.95 6.86
C LYS A 236 -16.07 1.45 8.24
N ALA A 237 -17.38 1.52 8.47
CA ALA A 237 -17.94 1.91 9.77
C ALA A 237 -17.59 0.87 10.83
N GLY A 238 -17.05 1.35 11.96
CA GLY A 238 -16.51 0.47 13.00
C GLY A 238 -15.29 -0.31 12.56
N GLY A 239 -14.56 0.22 11.58
CA GLY A 239 -13.41 -0.44 10.95
C GLY A 239 -12.16 0.41 11.02
N VAL A 240 -11.31 0.28 10.02
CA VAL A 240 -9.99 0.93 10.02
C VAL A 240 -10.03 2.28 9.30
N SER A 241 -9.74 3.35 10.04
CA SER A 241 -9.66 4.70 9.49
C SER A 241 -8.20 5.04 9.23
N LEU A 242 -7.88 5.36 7.97
CA LEU A 242 -6.50 5.64 7.56
C LEU A 242 -6.29 7.12 7.20
N SER A 243 -5.06 7.57 7.40
CA SER A 243 -4.63 8.92 7.01
C SER A 243 -3.90 8.82 5.66
N LYS A 244 -4.29 9.67 4.71
CA LYS A 244 -3.70 9.64 3.36
C LYS A 244 -2.23 10.12 3.30
N VAL A 245 -1.74 10.77 4.35
CA VAL A 245 -0.33 11.22 4.42
C VAL A 245 0.53 10.48 5.46
N GLU A 246 0.00 9.43 6.09
CA GLU A 246 0.80 8.54 6.95
C GLU A 246 1.56 7.53 6.08
N ARG A 247 2.78 7.20 6.52
CA ARG A 247 3.74 6.44 5.70
C ARG A 247 3.54 4.92 5.66
N SER A 248 2.64 4.39 6.48
CA SER A 248 2.34 2.96 6.51
C SER A 248 1.06 2.57 5.76
N THR A 249 0.33 3.56 5.25
CA THR A 249 -1.00 3.37 4.63
C THR A 249 -0.98 2.41 3.44
N ASP A 250 0.01 2.56 2.56
CA ASP A 250 0.12 1.70 1.37
C ASP A 250 0.43 0.23 1.68
N GLN A 251 1.11 -0.04 2.80
CA GLN A 251 1.33 -1.43 3.24
C GLN A 251 0.16 -2.02 4.05
N VAL A 252 -0.49 -1.19 4.86
CA VAL A 252 -1.55 -1.66 5.77
C VAL A 252 -2.85 -2.03 5.05
N ILE A 253 -3.13 -1.41 3.90
CA ILE A 253 -4.26 -1.80 3.04
C ILE A 253 -4.19 -3.25 2.57
N LYS A 254 -2.98 -3.78 2.43
CA LYS A 254 -2.79 -5.18 2.06
C LYS A 254 -3.08 -6.11 3.24
N PRO A 255 -3.39 -7.38 2.96
CA PRO A 255 -3.53 -8.38 4.02
C PRO A 255 -2.20 -8.71 4.69
N VAL A 256 -2.26 -9.32 5.87
CA VAL A 256 -1.05 -9.70 6.60
C VAL A 256 -0.20 -10.65 5.75
N ASN A 257 1.10 -10.36 5.67
CA ASN A 257 2.05 -11.22 4.96
C ASN A 257 3.41 -11.22 5.64
N VAL A 258 4.25 -12.18 5.27
CA VAL A 258 5.59 -12.32 5.86
C VAL A 258 6.68 -11.75 4.96
N GLY A 259 6.28 -10.85 4.06
CA GLY A 259 7.17 -10.32 3.02
C GLY A 259 8.20 -9.31 3.49
N ALA A 260 7.97 -8.69 4.65
CA ALA A 260 8.86 -7.66 5.19
C ALA A 260 9.75 -8.15 6.36
N LEU A 261 9.97 -9.47 6.45
CA LEU A 261 10.75 -10.04 7.56
C LEU A 261 12.24 -9.77 7.44
N SER A 262 12.78 -9.93 6.24
CA SER A 262 14.21 -9.81 6.02
C SER A 262 14.56 -9.19 4.66
N LYS A 263 13.91 -8.08 4.35
CA LYS A 263 14.26 -7.23 3.20
C LYS A 263 15.57 -6.49 3.42
N TRP A 264 15.92 -6.30 4.70
CA TRP A 264 17.20 -5.70 5.11
C TRP A 264 18.46 -6.51 4.80
N VAL A 265 18.33 -7.83 4.61
CA VAL A 265 19.51 -8.70 4.48
C VAL A 265 20.25 -8.35 3.20
N GLY A 266 21.56 -8.11 3.33
CA GLY A 266 22.40 -7.67 2.22
C GLY A 266 22.44 -6.17 1.98
N LYS A 267 21.61 -5.40 2.69
CA LYS A 267 21.49 -3.94 2.48
C LYS A 267 22.26 -3.09 3.50
N ILE A 268 22.72 -3.72 4.58
CA ILE A 268 23.45 -3.02 5.62
C ILE A 268 24.95 -3.13 5.28
N PRO A 269 25.71 -2.02 5.39
CA PRO A 269 27.16 -2.07 5.15
C PRO A 269 27.90 -3.04 6.08
N PRO A 270 29.00 -3.65 5.58
CA PRO A 270 29.70 -4.71 6.32
C PRO A 270 30.45 -4.25 7.59
N ASP A 271 30.85 -2.98 7.65
CA ASP A 271 31.41 -2.41 8.89
C ASP A 271 30.36 -2.36 10.01
N VAL A 272 29.12 -2.04 9.64
CA VAL A 272 28.00 -1.98 10.57
C VAL A 272 27.56 -3.40 10.95
N LEU A 273 27.61 -4.33 9.99
CA LEU A 273 27.33 -5.74 10.27
C LEU A 273 28.31 -6.31 11.29
N GLN A 274 29.61 -6.05 11.09
CA GLN A 274 30.64 -6.47 12.05
C GLN A 274 30.41 -5.89 13.45
N ASP A 275 30.03 -4.61 13.52
CA ASP A 275 29.79 -3.91 14.79
C ASP A 275 28.34 -4.01 15.32
N MET A 276 27.58 -5.01 14.90
CA MET A 276 26.13 -5.06 15.19
C MET A 276 25.83 -5.19 16.68
N ALA A 277 26.48 -6.15 17.34
CA ALA A 277 26.30 -6.37 18.79
C ALA A 277 26.78 -5.20 19.66
N VAL A 278 27.73 -4.42 19.16
CA VAL A 278 28.24 -3.22 19.85
C VAL A 278 27.26 -2.06 19.70
N ILE A 279 26.76 -1.86 18.48
CA ILE A 279 25.84 -0.77 18.15
C ILE A 279 24.45 -1.01 18.76
N ALA A 280 23.95 -2.24 18.63
CA ALA A 280 22.61 -2.60 19.06
C ALA A 280 22.63 -3.85 19.96
N PRO A 281 23.02 -3.70 21.24
CA PRO A 281 22.90 -4.81 22.21
C PRO A 281 21.45 -5.22 22.58
N MET A 282 20.47 -4.41 22.20
CA MET A 282 19.06 -4.71 22.43
C MET A 282 18.56 -5.84 21.52
N LEU A 283 19.19 -6.00 20.36
CA LEU A 283 18.90 -7.12 19.47
C LEU A 283 18.91 -8.44 20.24
N ALA A 284 20.03 -8.72 20.89
CA ALA A 284 20.22 -9.94 21.66
C ALA A 284 19.31 -10.01 22.87
N LYS A 285 19.14 -8.88 23.58
CA LYS A 285 18.22 -8.81 24.71
C LYS A 285 16.78 -9.17 24.33
N LEU A 286 16.39 -8.80 23.10
CA LEU A 286 15.05 -9.07 22.57
C LEU A 286 14.95 -10.40 21.79
N GLY A 287 15.95 -11.27 21.92
CA GLY A 287 15.92 -12.58 21.26
C GLY A 287 16.33 -12.64 19.79
N TYR A 288 16.91 -11.54 19.28
CA TYR A 288 17.41 -11.50 17.89
C TYR A 288 18.91 -11.78 17.88
N ASP A 289 19.33 -12.70 17.01
CA ASP A 289 20.75 -12.98 16.80
C ASP A 289 21.39 -11.82 16.01
N PRO A 290 22.36 -11.11 16.62
CA PRO A 290 22.95 -9.96 15.93
C PRO A 290 23.92 -10.28 14.78
N TYR A 291 24.28 -11.56 14.61
CA TYR A 291 25.14 -11.98 13.48
C TYR A 291 24.51 -13.00 12.52
N ALA A 292 23.23 -13.32 12.71
CA ALA A 292 22.46 -14.10 11.74
C ALA A 292 21.85 -13.13 10.71
N ASN A 293 21.98 -13.50 9.43
CA ASN A 293 21.56 -12.62 8.32
C ASN A 293 20.65 -13.36 7.33
N PRO A 294 19.36 -13.52 7.63
CA PRO A 294 18.70 -13.05 8.85
C PRO A 294 18.63 -14.13 9.93
N PRO A 295 18.15 -13.76 11.14
CA PRO A 295 17.81 -14.78 12.14
C PRO A 295 16.72 -15.71 11.68
N ASN A 296 16.61 -16.85 12.36
CA ASN A 296 15.49 -17.75 12.14
C ASN A 296 14.34 -17.26 13.00
N TYR A 297 13.54 -16.38 12.41
CA TYR A 297 12.36 -15.84 13.08
C TYR A 297 11.29 -16.91 13.28
N GLY A 298 11.30 -17.93 12.41
CA GLY A 298 10.34 -19.03 12.43
C GLY A 298 9.65 -19.08 11.08
N LYS A 299 8.74 -20.04 10.93
CA LYS A 299 7.93 -20.19 9.73
C LYS A 299 6.47 -20.45 10.10
N PRO A 300 5.51 -20.03 9.25
CA PRO A 300 4.08 -20.08 9.61
C PRO A 300 3.48 -21.49 9.73
N ALA B 26 -16.63 24.32 40.79
CA ALA B 26 -17.28 24.46 39.44
C ALA B 26 -16.46 25.34 38.49
N TYR B 27 -16.14 24.79 37.32
CA TYR B 27 -15.36 25.51 36.30
C TYR B 27 -15.63 24.97 34.89
N HIS B 28 -15.52 25.85 33.91
CA HIS B 28 -15.84 25.52 32.51
C HIS B 28 -15.30 26.60 31.57
N LYS B 29 -15.27 26.28 30.28
CA LYS B 29 -14.67 27.15 29.26
C LYS B 29 -15.37 28.51 29.04
N ASP B 30 -16.63 28.64 29.46
CA ASP B 30 -17.37 29.91 29.38
C ASP B 30 -17.31 30.77 30.65
N MET B 31 -16.54 30.37 31.66
CA MET B 31 -16.46 31.14 32.91
C MET B 31 -15.69 32.44 32.67
N PRO B 32 -15.96 33.49 33.49
CA PRO B 32 -15.25 34.76 33.33
C PRO B 32 -13.81 34.71 33.87
N LEU B 33 -12.86 34.47 32.98
CA LEU B 33 -11.44 34.40 33.31
C LEU B 33 -10.77 35.75 33.07
N ILE B 34 -9.69 36.01 33.80
CA ILE B 34 -8.88 37.21 33.62
C ILE B 34 -7.47 36.76 33.26
N PHE B 35 -6.93 37.31 32.17
CA PHE B 35 -5.58 37.01 31.72
C PHE B 35 -4.76 38.30 31.71
N ILE B 36 -3.78 38.36 32.59
CA ILE B 36 -2.85 39.50 32.64
C ILE B 36 -1.60 39.09 31.89
N GLY B 37 -1.03 40.03 31.14
CA GLY B 37 0.22 39.80 30.46
C GLY B 37 0.90 41.05 29.95
N GLY B 38 1.85 40.84 29.06
CA GLY B 38 2.72 41.92 28.56
C GLY B 38 4.13 41.40 28.46
N VAL B 39 5.06 42.29 28.12
CA VAL B 39 6.47 41.91 28.08
C VAL B 39 6.92 41.88 29.53
N PRO B 40 7.76 40.89 29.93
CA PRO B 40 8.31 40.92 31.28
C PRO B 40 8.96 42.24 31.68
N ARG B 41 8.98 42.50 32.98
CA ARG B 41 9.43 43.79 33.55
C ARG B 41 8.56 44.99 33.13
N SER B 42 7.25 44.77 32.99
CA SER B 42 6.29 45.84 32.70
C SER B 42 5.20 45.95 33.77
N GLY B 43 5.48 45.44 34.97
CA GLY B 43 4.57 45.58 36.10
C GLY B 43 3.46 44.55 36.16
N THR B 44 3.68 43.38 35.55
CA THR B 44 2.67 42.32 35.49
C THR B 44 2.41 41.68 36.87
N THR B 45 3.46 41.49 37.66
CA THR B 45 3.32 40.94 39.01
C THR B 45 2.56 41.90 39.94
N LEU B 46 2.86 43.20 39.83
CA LEU B 46 2.13 44.22 40.61
C LEU B 46 0.65 44.23 40.25
N MET B 47 0.35 44.13 38.96
CA MET B 47 -1.02 44.12 38.47
C MET B 47 -1.81 42.96 39.08
N ARG B 48 -1.22 41.76 39.04
CA ARG B 48 -1.90 40.57 39.55
C ARG B 48 -1.94 40.53 41.08
N ALA B 49 -0.93 41.11 41.74
CA ALA B 49 -0.89 41.22 43.21
C ALA B 49 -2.00 42.14 43.73
N MET B 50 -2.18 43.28 43.05
CA MET B 50 -3.26 44.21 43.38
C MET B 50 -4.64 43.59 43.19
N LEU B 51 -4.82 42.83 42.11
CA LEU B 51 -6.08 42.11 41.89
C LEU B 51 -6.25 40.93 42.87
N ASP B 52 -5.17 40.20 43.14
CA ASP B 52 -5.16 39.15 44.17
C ASP B 52 -5.61 39.66 45.55
N ALA B 53 -5.29 40.91 45.86
CA ALA B 53 -5.69 41.55 47.11
C ALA B 53 -7.20 41.71 47.25
N HIS B 54 -7.90 41.78 46.12
CA HIS B 54 -9.37 41.69 46.10
C HIS B 54 -9.75 40.31 46.62
N PRO B 55 -10.70 40.23 47.58
CA PRO B 55 -11.00 38.94 48.23
C PRO B 55 -11.72 37.92 47.35
N ASP B 56 -12.57 38.39 46.44
CA ASP B 56 -13.23 37.54 45.43
C ASP B 56 -12.43 37.24 44.15
N ILE B 57 -11.16 37.67 44.07
CA ILE B 57 -10.30 37.37 42.92
C ILE B 57 -9.06 36.61 43.38
N ARG B 58 -8.73 35.54 42.66
CA ARG B 58 -7.44 34.84 42.81
C ARG B 58 -6.76 34.72 41.45
N CYS B 59 -5.52 35.19 41.37
CA CYS B 59 -4.69 35.03 40.19
C CYS B 59 -3.62 33.98 40.44
N GLY B 60 -2.78 34.25 41.45
CA GLY B 60 -1.71 33.34 41.83
C GLY B 60 -0.44 33.57 41.06
N GLU B 61 0.54 32.72 41.32
CA GLU B 61 1.88 32.87 40.77
C GLU B 61 1.91 32.46 39.30
N GLU B 62 3.00 32.80 38.60
CA GLU B 62 3.16 32.43 37.19
C GLU B 62 3.22 30.92 37.01
N THR B 63 2.33 30.38 36.17
CA THR B 63 2.26 28.93 35.95
C THR B 63 3.44 28.43 35.12
N ARG B 64 3.91 29.24 34.16
CA ARG B 64 5.06 28.93 33.29
C ARG B 64 4.73 27.95 32.15
N VAL B 65 4.05 26.85 32.48
CA VAL B 65 3.60 25.87 31.50
C VAL B 65 2.62 26.41 30.45
N ILE B 66 1.80 27.40 30.81
CA ILE B 66 0.76 27.93 29.91
C ILE B 66 1.33 28.59 28.65
N PRO B 67 2.31 29.51 28.79
CA PRO B 67 3.00 30.05 27.61
C PRO B 67 3.63 29.02 26.69
N ARG B 68 4.17 27.95 27.26
CA ARG B 68 4.89 26.92 26.49
C ARG B 68 3.95 26.04 25.68
N ILE B 69 2.89 25.55 26.31
CA ILE B 69 1.85 24.78 25.61
C ILE B 69 1.11 25.63 24.56
N LEU B 70 0.88 26.91 24.86
CA LEU B 70 0.26 27.83 23.89
C LEU B 70 1.18 28.07 22.68
N ALA B 71 2.46 28.30 22.96
CA ALA B 71 3.47 28.47 21.89
C ALA B 71 3.65 27.20 21.06
N LEU B 72 3.54 26.03 21.71
CA LEU B 72 3.59 24.72 21.02
C LEU B 72 2.41 24.61 20.03
N LYS B 73 1.20 24.81 20.56
CA LYS B 73 -0.03 24.82 19.77
C LYS B 73 0.06 25.78 18.58
N GLN B 74 0.64 26.96 18.81
CA GLN B 74 0.81 27.95 17.75
C GLN B 74 1.76 27.48 16.63
N MET B 75 2.81 26.73 16.98
CA MET B 75 3.71 26.14 16.00
C MET B 75 3.03 25.11 15.07
N TRP B 76 2.03 24.38 15.60
CA TRP B 76 1.29 23.41 14.80
C TRP B 76 0.32 24.06 13.81
N SER B 77 -0.39 25.09 14.26
CA SER B 77 -1.36 25.81 13.43
C SER B 77 -0.73 26.68 12.35
N ARG B 78 0.47 27.22 12.61
CA ARG B 78 1.19 28.05 11.65
C ARG B 78 1.71 27.26 10.44
N SER B 79 2.26 26.06 10.71
CA SER B 79 2.71 25.17 9.63
C SER B 79 1.51 24.55 8.91
N SER B 80 1.26 25.00 7.68
CA SER B 80 0.16 24.46 6.87
C SER B 80 0.37 22.98 6.53
N LYS B 81 1.64 22.58 6.35
CA LYS B 81 2.01 21.18 6.14
C LYS B 81 1.60 20.30 7.33
N GLU B 82 1.94 20.71 8.54
CA GLU B 82 1.57 20.00 9.76
C GLU B 82 0.05 20.06 10.03
N LYS B 83 -0.58 21.18 9.71
CA LYS B 83 -2.03 21.36 9.90
C LYS B 83 -2.84 20.36 9.07
N ILE B 84 -2.36 20.06 7.86
CA ILE B 84 -2.98 19.06 6.99
C ILE B 84 -2.88 17.65 7.59
N ARG B 85 -1.71 17.31 8.14
CA ARG B 85 -1.46 15.99 8.74
C ARG B 85 -2.31 15.74 10.00
N LEU B 86 -2.55 16.80 10.77
CA LEU B 86 -3.39 16.72 11.97
C LEU B 86 -4.86 16.58 11.60
N ASP B 87 -5.32 17.33 10.60
CA ASP B 87 -6.70 17.24 10.12
C ASP B 87 -6.99 15.85 9.53
N GLU B 88 -6.02 15.28 8.81
CA GLU B 88 -6.14 13.91 8.28
C GLU B 88 -6.11 12.83 9.37
N ALA B 89 -5.53 13.13 10.52
CA ALA B 89 -5.59 12.25 11.69
C ALA B 89 -6.85 12.44 12.57
N GLY B 90 -7.76 13.31 12.14
CA GLY B 90 -8.93 13.68 12.93
C GLY B 90 -8.66 14.69 14.04
N VAL B 91 -7.43 15.20 14.13
CA VAL B 91 -7.04 16.15 15.18
C VAL B 91 -7.26 17.55 14.61
N THR B 92 -8.53 17.92 14.54
CA THR B 92 -8.96 19.17 13.92
C THR B 92 -8.78 20.33 14.89
N ASP B 93 -9.08 21.55 14.42
CA ASP B 93 -9.12 22.73 15.27
C ASP B 93 -10.04 22.55 16.48
N GLU B 94 -11.23 22.00 16.25
CA GLU B 94 -12.21 21.76 17.32
C GLU B 94 -11.74 20.75 18.37
N VAL B 95 -11.00 19.72 17.93
CA VAL B 95 -10.43 18.72 18.84
C VAL B 95 -9.27 19.33 19.65
N LEU B 96 -8.35 19.99 18.97
CA LEU B 96 -7.24 20.69 19.63
C LEU B 96 -7.72 21.74 20.63
N ASP B 97 -8.68 22.56 20.23
CA ASP B 97 -9.23 23.62 21.09
C ASP B 97 -9.85 23.03 22.36
N SER B 98 -10.59 21.94 22.20
CA SER B 98 -11.18 21.23 23.33
C SER B 98 -10.11 20.70 24.31
N ALA B 99 -9.03 20.15 23.75
CA ALA B 99 -7.89 19.67 24.56
C ALA B 99 -7.11 20.82 25.18
N MET B 100 -6.94 21.91 24.45
CA MET B 100 -6.29 23.12 24.98
C MET B 100 -7.10 23.71 26.13
N GLN B 101 -8.40 23.89 25.90
CA GLN B 101 -9.34 24.33 26.94
C GLN B 101 -9.24 23.52 28.20
N ALA B 102 -9.29 22.20 28.05
CA ALA B 102 -9.23 21.29 29.19
C ALA B 102 -7.91 21.40 29.95
N PHE B 103 -6.79 21.46 29.22
CA PHE B 103 -5.48 21.60 29.85
C PHE B 103 -5.35 22.92 30.62
N LEU B 104 -5.62 24.04 29.95
CA LEU B 104 -5.45 25.38 30.54
C LEU B 104 -6.34 25.60 31.77
N LEU B 105 -7.59 25.15 31.70
CA LEU B 105 -8.51 25.24 32.85
C LEU B 105 -8.03 24.42 34.03
N GLU B 106 -7.59 23.19 33.80
CA GLU B 106 -7.05 22.36 34.88
C GLU B 106 -5.90 23.05 35.61
N ILE B 107 -5.00 23.69 34.86
CA ILE B 107 -3.87 24.42 35.46
C ILE B 107 -4.38 25.64 36.22
N ILE B 108 -5.10 26.52 35.52
CA ILE B 108 -5.63 27.77 36.08
C ILE B 108 -6.44 27.53 37.37
N VAL B 109 -7.31 26.54 37.35
CA VAL B 109 -8.20 26.25 38.48
C VAL B 109 -7.46 25.55 39.65
N LYS B 110 -6.60 24.58 39.35
CA LYS B 110 -6.01 23.72 40.40
C LYS B 110 -4.70 24.23 41.02
N HIS B 111 -3.97 25.11 40.33
CA HIS B 111 -2.67 25.60 40.84
C HIS B 111 -2.77 26.62 41.98
N GLY B 112 -3.98 27.11 42.25
CA GLY B 112 -4.21 28.04 43.36
C GLY B 112 -5.54 27.82 44.05
N GLU B 113 -5.86 28.69 45.00
CA GLU B 113 -7.08 28.57 45.79
C GLU B 113 -8.31 28.99 44.97
N PRO B 114 -9.48 28.39 45.26
CA PRO B 114 -10.67 28.76 44.48
C PRO B 114 -11.16 30.19 44.77
N ALA B 115 -11.80 30.79 43.79
CA ALA B 115 -12.39 32.12 43.96
C ALA B 115 -13.50 32.34 42.93
N PRO B 116 -14.45 33.25 43.23
CA PRO B 116 -15.48 33.62 42.24
C PRO B 116 -14.89 34.04 40.89
N TYR B 117 -13.81 34.80 40.92
CA TYR B 117 -13.17 35.31 39.70
C TYR B 117 -11.74 34.81 39.64
N LEU B 118 -11.50 33.82 38.78
CA LEU B 118 -10.15 33.30 38.56
C LEU B 118 -9.39 34.16 37.57
N CYS B 119 -8.08 34.21 37.77
CA CYS B 119 -7.20 35.07 37.00
C CYS B 119 -5.92 34.27 36.66
N ASN B 120 -5.23 34.70 35.61
CA ASN B 120 -3.97 34.09 35.23
C ASN B 120 -2.99 35.14 34.75
N LYS B 121 -1.77 35.10 35.28
CA LYS B 121 -0.71 35.98 34.86
C LYS B 121 0.44 35.13 34.38
N ASP B 122 0.63 35.14 33.07
CA ASP B 122 1.86 34.70 32.44
C ASP B 122 2.12 35.70 31.32
N PRO B 123 3.19 36.51 31.43
CA PRO B 123 3.41 37.62 30.49
C PRO B 123 3.22 37.25 29.01
N PHE B 124 3.87 36.18 28.56
CA PHE B 124 3.83 35.79 27.14
C PHE B 124 2.64 34.94 26.73
N ALA B 125 1.69 34.68 27.63
CA ALA B 125 0.43 34.05 27.25
C ALA B 125 -0.38 34.93 26.28
N LEU B 126 -0.24 36.26 26.39
CA LEU B 126 -0.92 37.19 25.49
C LEU B 126 -0.37 37.26 24.07
N LYS B 127 0.75 36.58 23.79
CA LYS B 127 1.14 36.26 22.41
C LYS B 127 0.12 35.35 21.71
N SER B 128 -0.69 34.63 22.50
CA SER B 128 -1.85 33.92 21.98
C SER B 128 -3.15 34.50 22.55
N LEU B 129 -3.24 35.82 22.58
CA LEU B 129 -4.41 36.52 23.15
C LEU B 129 -5.67 36.22 22.34
N THR B 130 -5.60 36.47 21.03
CA THR B 130 -6.74 36.25 20.13
C THR B 130 -7.23 34.81 20.21
N TYR B 131 -6.29 33.86 20.23
CA TYR B 131 -6.62 32.44 20.36
C TYR B 131 -7.25 32.11 21.73
N LEU B 132 -6.73 32.72 22.79
CA LEU B 132 -7.31 32.56 24.13
C LEU B 132 -8.72 33.15 24.25
N SER B 133 -8.95 34.24 23.53
CA SER B 133 -10.27 34.86 23.44
C SER B 133 -11.27 33.95 22.77
N ARG B 134 -10.82 33.22 21.75
CA ARG B 134 -11.65 32.24 21.04
C ARG B 134 -11.96 31.01 21.92
N LEU B 135 -10.95 30.50 22.63
CA LEU B 135 -11.14 29.37 23.55
C LEU B 135 -12.02 29.72 24.76
N PHE B 136 -11.90 30.95 25.25
CA PHE B 136 -12.61 31.41 26.43
C PHE B 136 -13.38 32.69 26.05
N PRO B 137 -14.65 32.55 25.60
CA PRO B 137 -15.42 33.71 25.10
C PRO B 137 -15.67 34.82 26.14
N ASN B 138 -15.92 34.45 27.39
CA ASN B 138 -16.15 35.46 28.45
C ASN B 138 -14.87 35.90 29.18
N ALA B 139 -13.70 35.55 28.64
CA ALA B 139 -12.43 35.97 29.22
C ALA B 139 -12.12 37.39 28.82
N LYS B 140 -11.58 38.15 29.78
CA LYS B 140 -11.10 39.50 29.53
C LYS B 140 -9.59 39.55 29.75
N PHE B 141 -8.94 40.50 29.09
CA PHE B 141 -7.50 40.57 29.05
C PHE B 141 -7.03 41.93 29.56
N LEU B 142 -5.85 41.93 30.17
CA LEU B 142 -5.18 43.14 30.62
C LEU B 142 -3.75 43.11 30.11
N LEU B 143 -3.48 43.90 29.08
CA LEU B 143 -2.13 44.05 28.55
C LEU B 143 -1.40 45.15 29.33
N MET B 144 -0.41 44.73 30.13
CA MET B 144 0.43 45.69 30.84
C MET B 144 1.43 46.29 29.87
N VAL B 145 1.53 47.62 29.89
CA VAL B 145 2.39 48.35 28.99
C VAL B 145 3.30 49.24 29.82
N ARG B 146 4.60 49.10 29.62
CA ARG B 146 5.59 49.96 30.25
C ARG B 146 6.49 50.53 29.18
N ASP B 147 7.11 51.66 29.48
CA ASP B 147 8.16 52.22 28.66
C ASP B 147 9.19 51.11 28.42
N GLY B 148 9.43 50.81 27.15
CA GLY B 148 10.35 49.76 26.76
C GLY B 148 11.76 49.92 27.29
N ARG B 149 12.19 51.17 27.42
CA ARG B 149 13.50 51.50 27.98
C ARG B 149 13.59 51.14 29.45
N ALA B 150 12.49 51.29 30.18
CA ALA B 150 12.39 50.85 31.57
C ALA B 150 12.41 49.33 31.68
N SER B 151 11.60 48.66 30.85
CA SER B 151 11.54 47.19 30.85
C SER B 151 12.86 46.54 30.44
N VAL B 152 13.49 47.08 29.40
CA VAL B 152 14.79 46.58 28.92
C VAL B 152 15.91 46.84 29.94
N HIS B 153 15.97 48.05 30.49
CA HIS B 153 16.91 48.36 31.57
C HIS B 153 16.70 47.48 32.79
N SER B 154 15.44 47.16 33.10
CA SER B 154 15.12 46.30 34.23
C SER B 154 15.72 44.90 34.04
N MET B 155 15.39 44.27 32.91
CA MET B 155 15.90 42.93 32.62
C MET B 155 17.42 42.86 32.47
N ILE B 156 18.04 43.90 31.93
CA ILE B 156 19.51 43.96 31.81
C ILE B 156 20.19 44.18 33.19
N SER B 157 19.70 45.17 33.94
CA SER B 157 20.28 45.50 35.24
C SER B 157 20.04 44.41 36.28
N ARG B 158 18.81 43.89 36.34
CA ARG B 158 18.46 42.78 37.24
C ARG B 158 18.87 41.38 36.71
N LYS B 159 19.42 41.32 35.49
CA LYS B 159 19.88 40.07 34.87
C LYS B 159 18.76 39.01 34.77
N VAL B 160 17.62 39.46 34.24
CA VAL B 160 16.45 38.63 34.04
C VAL B 160 16.59 37.96 32.68
N THR B 161 16.74 36.63 32.68
CA THR B 161 16.97 35.86 31.45
C THR B 161 15.65 35.54 30.75
N ILE B 162 15.53 35.96 29.49
CA ILE B 162 14.35 35.72 28.67
C ILE B 162 14.84 35.15 27.34
N ALA B 163 14.08 34.20 26.78
CA ALA B 163 14.43 33.55 25.52
C ALA B 163 14.45 34.55 24.36
N GLY B 164 15.61 34.67 23.71
CA GLY B 164 15.80 35.60 22.58
C GLY B 164 16.46 36.93 22.95
N PHE B 165 16.32 37.36 24.21
CA PHE B 165 16.76 38.67 24.67
C PHE B 165 18.22 38.61 25.12
N ASP B 166 19.12 39.13 24.29
CA ASP B 166 20.55 39.18 24.63
C ASP B 166 20.85 40.34 25.59
N LEU B 167 21.10 40.01 26.86
CA LEU B 167 21.25 41.01 27.93
C LEU B 167 22.53 41.87 27.86
N ASN B 168 23.49 41.48 27.02
CA ASN B 168 24.63 42.35 26.72
C ASN B 168 24.27 43.57 25.85
N SER B 169 23.22 43.44 25.03
CA SER B 169 22.86 44.47 24.03
C SER B 169 21.50 45.12 24.29
N TYR B 170 21.51 46.42 24.62
CA TYR B 170 20.29 47.23 24.74
C TYR B 170 19.53 47.31 23.41
N ARG B 171 20.29 47.44 22.31
CA ARG B 171 19.71 47.46 20.96
C ARG B 171 18.92 46.19 20.68
N ASP B 172 19.51 45.04 20.97
CA ASP B 172 18.87 43.75 20.74
C ASP B 172 17.62 43.59 21.60
N CYS B 173 17.73 43.92 22.88
CA CYS B 173 16.61 43.78 23.83
C CYS B 173 15.43 44.70 23.49
N LEU B 174 15.71 45.93 23.08
CA LEU B 174 14.67 46.87 22.64
C LEU B 174 14.00 46.40 21.35
N THR B 175 14.78 45.81 20.45
CA THR B 175 14.27 45.23 19.20
C THR B 175 13.34 44.05 19.50
N LYS B 176 13.73 43.20 20.43
CA LYS B 176 12.89 42.09 20.88
C LYS B 176 11.69 42.55 21.72
N TRP B 177 11.86 43.61 22.50
CA TRP B 177 10.75 44.23 23.25
C TRP B 177 9.69 44.74 22.28
N ASN B 178 10.15 45.47 21.27
CA ASN B 178 9.30 46.00 20.23
C ASN B 178 8.49 44.92 19.53
N ARG B 179 9.17 43.87 19.06
CA ARG B 179 8.52 42.76 18.37
C ARG B 179 7.47 42.09 19.27
N ALA B 180 7.84 41.82 20.51
CA ALA B 180 6.96 41.16 21.47
C ALA B 180 5.71 41.99 21.78
N ILE B 181 5.92 43.24 22.20
CA ILE B 181 4.80 44.14 22.56
C ILE B 181 3.86 44.44 21.39
N GLU B 182 4.41 44.56 20.18
CA GLU B 182 3.61 44.80 18.97
C GLU B 182 2.63 43.67 18.68
N THR B 183 3.13 42.44 18.76
CA THR B 183 2.31 41.24 18.55
C THR B 183 1.13 41.18 19.53
N MET B 184 1.39 41.48 20.80
CA MET B 184 0.36 41.44 21.84
C MET B 184 -0.62 42.61 21.72
N TYR B 185 -0.09 43.79 21.41
CA TYR B 185 -0.89 44.99 21.17
C TYR B 185 -1.89 44.79 20.02
N ASN B 186 -1.39 44.35 18.86
CA ASN B 186 -2.24 44.10 17.69
C ASN B 186 -3.39 43.14 17.98
N GLN B 187 -3.12 42.11 18.79
CA GLN B 187 -4.15 41.15 19.21
C GLN B 187 -5.14 41.73 20.22
N CYS B 188 -4.60 42.47 21.18
CA CYS B 188 -5.40 43.24 22.12
C CYS B 188 -6.37 44.17 21.38
N MET B 189 -5.87 44.86 20.36
CA MET B 189 -6.69 45.77 19.54
C MET B 189 -7.74 45.03 18.71
N GLU B 190 -7.36 43.86 18.19
CA GLU B 190 -8.24 43.03 17.34
C GLU B 190 -9.50 42.55 18.06
N VAL B 191 -9.35 42.12 19.31
CA VAL B 191 -10.49 41.66 20.14
C VAL B 191 -11.34 42.83 20.65
N GLY B 192 -10.74 44.01 20.83
CA GLY B 192 -11.49 45.23 21.13
C GLY B 192 -11.50 45.67 22.58
N TYR B 193 -12.13 46.82 22.80
CA TYR B 193 -12.12 47.50 24.11
C TYR B 193 -12.93 46.82 25.23
N LYS B 194 -13.87 45.95 24.87
N LYS B 194 -13.86 45.95 24.85
CA LYS B 194 -14.67 45.18 25.83
CA LYS B 194 -14.65 45.18 25.82
C LYS B 194 -13.98 43.91 26.32
C LYS B 194 -13.92 43.95 26.35
N LYS B 195 -13.07 43.34 25.51
CA LYS B 195 -12.31 42.13 25.87
C LYS B 195 -10.90 42.43 26.38
N CYS B 196 -10.21 43.39 25.76
CA CYS B 196 -8.84 43.74 26.18
C CYS B 196 -8.73 45.21 26.57
N MET B 197 -7.88 45.49 27.56
CA MET B 197 -7.61 46.84 28.03
C MET B 197 -6.11 47.04 28.20
N LEU B 198 -5.56 48.04 27.50
CA LEU B 198 -4.19 48.51 27.73
C LEU B 198 -4.11 49.15 29.11
N VAL B 199 -3.14 48.69 29.90
CA VAL B 199 -2.91 49.23 31.25
C VAL B 199 -1.48 49.74 31.31
N HIS B 200 -1.34 51.06 31.39
CA HIS B 200 -0.02 51.68 31.41
C HIS B 200 0.57 51.66 32.82
N TYR B 201 1.72 51.01 32.97
CA TYR B 201 2.40 50.86 34.27
C TYR B 201 2.63 52.18 34.96
N GLU B 202 3.13 53.15 34.20
CA GLU B 202 3.47 54.47 34.74
C GLU B 202 2.22 55.17 35.26
N GLN B 203 1.13 55.06 34.51
CA GLN B 203 -0.15 55.61 34.93
C GLN B 203 -0.75 54.85 36.10
N LEU B 204 -0.60 53.52 36.11
CA LEU B 204 -1.05 52.71 37.25
C LEU B 204 -0.41 53.16 38.57
N VAL B 205 0.92 53.31 38.58
CA VAL B 205 1.62 53.72 39.81
C VAL B 205 1.39 55.18 40.20
N LEU B 206 1.21 56.05 39.21
CA LEU B 206 0.90 57.47 39.46
C LEU B 206 -0.52 57.71 39.94
N HIS B 207 -1.48 56.92 39.46
CA HIS B 207 -2.90 57.11 39.80
C HIS B 207 -3.56 55.78 40.09
N PRO B 208 -3.09 55.07 41.15
CA PRO B 208 -3.55 53.71 41.41
C PRO B 208 -5.04 53.57 41.72
N GLU B 209 -5.63 54.52 42.42
CA GLU B 209 -7.06 54.47 42.70
C GLU B 209 -7.86 54.63 41.41
N ARG B 210 -7.54 55.67 40.64
CA ARG B 210 -8.23 55.96 39.38
C ARG B 210 -8.22 54.74 38.44
N TRP B 211 -7.07 54.09 38.28
CA TRP B 211 -6.95 52.96 37.35
C TRP B 211 -7.55 51.67 37.86
N MET B 212 -7.37 51.37 39.15
CA MET B 212 -7.98 50.18 39.74
C MET B 212 -9.51 50.26 39.72
N ARG B 213 -10.05 51.45 39.92
CA ARG B 213 -11.50 51.66 39.76
C ARG B 213 -11.95 51.44 38.31
N THR B 214 -11.19 51.94 37.35
CA THR B 214 -11.46 51.70 35.93
C THR B 214 -11.35 50.22 35.56
N LEU B 215 -10.33 49.56 36.10
CA LEU B 215 -10.05 48.16 35.82
C LEU B 215 -11.13 47.23 36.31
N LEU B 216 -11.52 47.39 37.58
CA LEU B 216 -12.60 46.59 38.13
C LEU B 216 -13.95 46.86 37.45
N LYS B 217 -14.20 48.11 37.04
CA LYS B 217 -15.37 48.44 36.20
C LYS B 217 -15.30 47.75 34.83
N PHE B 218 -14.10 47.71 34.24
CA PHE B 218 -13.86 46.98 32.99
C PHE B 218 -14.09 45.47 33.15
N LEU B 219 -13.49 44.90 34.19
CA LEU B 219 -13.67 43.47 34.53
C LEU B 219 -15.06 43.10 35.05
N GLN B 220 -15.88 44.10 35.35
CA GLN B 220 -17.25 43.92 35.87
C GLN B 220 -17.23 43.15 37.20
N ILE B 221 -16.32 43.57 38.07
CA ILE B 221 -16.18 43.07 39.44
C ILE B 221 -16.44 44.27 40.35
N PRO B 222 -17.20 44.08 41.45
CA PRO B 222 -17.48 45.22 42.34
C PRO B 222 -16.23 45.73 43.07
N TRP B 223 -16.24 47.01 43.43
CA TRP B 223 -15.09 47.65 44.07
C TRP B 223 -14.77 47.09 45.45
N ASN B 224 -13.49 46.86 45.71
CA ASN B 224 -12.99 46.60 47.05
C ASN B 224 -11.65 47.31 47.27
N HIS B 225 -11.63 48.22 48.25
CA HIS B 225 -10.46 49.05 48.57
C HIS B 225 -9.14 48.31 48.89
N SER B 226 -9.23 47.04 49.28
CA SER B 226 -8.04 46.24 49.60
C SER B 226 -7.04 46.04 48.44
N VAL B 227 -7.49 46.25 47.22
CA VAL B 227 -6.61 46.33 46.04
C VAL B 227 -5.57 47.47 46.11
N LEU B 228 -5.90 48.51 46.87
CA LEU B 228 -4.97 49.63 47.11
C LEU B 228 -4.03 49.43 48.31
N HIS B 229 -4.17 48.30 49.02
CA HIS B 229 -3.27 47.89 50.10
C HIS B 229 -2.80 46.45 49.85
N HIS B 230 -2.26 46.18 48.67
CA HIS B 230 -1.83 44.82 48.31
C HIS B 230 -0.71 44.30 49.22
N GLU B 231 0.15 45.21 49.69
CA GLU B 231 1.23 44.91 50.64
C GLU B 231 0.75 44.31 51.99
N GLU B 232 -0.44 44.70 52.43
CA GLU B 232 -1.05 44.18 53.65
C GLU B 232 -1.77 42.83 53.47
N MET B 233 -1.94 42.40 52.22
CA MET B 233 -2.53 41.10 51.89
C MET B 233 -1.51 40.02 51.49
N ILE B 234 -0.22 40.28 51.72
CA ILE B 234 0.84 39.35 51.29
C ILE B 234 0.81 38.09 52.17
N GLY B 235 0.63 36.94 51.52
CA GLY B 235 0.60 35.64 52.19
C GLY B 235 -0.60 35.42 53.10
N LYS B 236 -1.69 36.15 52.85
CA LYS B 236 -2.91 36.07 53.65
C LYS B 236 -3.95 35.22 52.91
N ALA B 237 -4.91 34.70 53.67
CA ALA B 237 -5.97 33.85 53.14
C ALA B 237 -6.93 34.66 52.26
N GLY B 238 -7.08 34.24 51.00
CA GLY B 238 -7.77 35.04 49.98
C GLY B 238 -6.99 36.30 49.61
N GLY B 239 -5.66 36.20 49.69
CA GLY B 239 -4.77 37.33 49.50
C GLY B 239 -3.73 37.01 48.44
N VAL B 240 -2.55 37.61 48.58
CA VAL B 240 -1.53 37.57 47.54
C VAL B 240 -0.52 36.45 47.78
N SER B 241 -0.66 35.36 47.02
CA SER B 241 0.26 34.22 47.07
C SER B 241 1.49 34.54 46.21
N LEU B 242 2.68 34.39 46.79
CA LEU B 242 3.93 34.69 46.09
C LEU B 242 4.83 33.46 45.94
N SER B 243 5.76 33.56 44.98
CA SER B 243 6.79 32.53 44.75
C SER B 243 8.13 33.09 45.19
N LYS B 244 8.82 32.34 46.06
CA LYS B 244 10.15 32.74 46.54
C LYS B 244 11.23 32.77 45.44
N VAL B 245 11.00 32.05 44.34
CA VAL B 245 11.94 32.00 43.20
C VAL B 245 11.58 32.93 42.02
N GLU B 246 10.49 33.69 42.11
CA GLU B 246 10.14 34.68 41.06
C GLU B 246 10.92 35.97 41.24
N ARG B 247 11.22 36.64 40.12
CA ARG B 247 12.10 37.80 40.10
C ARG B 247 11.46 39.13 40.53
N SER B 248 10.13 39.18 40.63
CA SER B 248 9.39 40.38 41.05
C SER B 248 8.96 40.37 42.52
N THR B 249 9.30 39.33 43.27
CA THR B 249 8.81 39.15 44.64
C THR B 249 9.36 40.21 45.61
N ASP B 250 10.64 40.52 45.51
CA ASP B 250 11.26 41.56 46.35
C ASP B 250 10.67 42.97 46.15
N GLN B 251 10.13 43.29 44.97
CA GLN B 251 9.52 44.61 44.71
C GLN B 251 8.03 44.71 45.06
N VAL B 252 7.27 43.66 44.76
CA VAL B 252 5.81 43.65 44.95
C VAL B 252 5.36 43.67 46.41
N ILE B 253 6.19 43.14 47.33
CA ILE B 253 5.89 43.16 48.78
C ILE B 253 5.80 44.58 49.37
N LYS B 254 6.45 45.55 48.73
CA LYS B 254 6.34 46.95 49.10
C LYS B 254 5.00 47.53 48.63
N PRO B 255 4.55 48.65 49.22
CA PRO B 255 3.37 49.33 48.70
C PRO B 255 3.61 49.94 47.30
N VAL B 256 2.54 50.32 46.62
CA VAL B 256 2.64 50.93 45.30
C VAL B 256 3.42 52.25 45.43
N ASN B 257 4.45 52.39 44.61
CA ASN B 257 5.28 53.61 44.60
C ASN B 257 5.68 54.01 43.19
N VAL B 258 6.20 55.23 43.05
CA VAL B 258 6.59 55.78 41.74
C VAL B 258 8.10 55.65 41.51
N GLY B 259 8.73 54.72 42.19
CA GLY B 259 10.18 54.64 42.30
C GLY B 259 10.89 54.13 41.06
N ALA B 260 10.20 53.34 40.25
CA ALA B 260 10.80 52.67 39.08
C ALA B 260 10.35 53.27 37.73
N LEU B 261 9.96 54.54 37.71
CA LEU B 261 9.48 55.18 36.49
C LEU B 261 10.60 55.44 35.49
N SER B 262 11.72 55.95 35.98
CA SER B 262 12.82 56.39 35.12
C SER B 262 14.17 56.14 35.79
N LYS B 263 14.43 54.87 36.09
CA LYS B 263 15.76 54.39 36.54
C LYS B 263 16.68 54.09 35.35
N TRP B 264 16.08 53.96 34.17
CA TRP B 264 16.79 53.66 32.92
C TRP B 264 17.63 54.80 32.31
N VAL B 265 17.34 56.05 32.69
CA VAL B 265 17.91 57.21 32.00
C VAL B 265 19.41 57.35 32.26
N GLY B 266 20.18 57.60 31.20
CA GLY B 266 21.64 57.70 31.27
C GLY B 266 22.40 56.38 31.16
N LYS B 267 21.70 55.26 31.17
CA LYS B 267 22.30 53.91 31.16
C LYS B 267 22.33 53.26 29.77
N ILE B 268 21.46 53.75 28.87
CA ILE B 268 21.41 53.26 27.49
C ILE B 268 22.52 53.97 26.70
N PRO B 269 23.25 53.23 25.83
CA PRO B 269 24.31 53.88 25.03
C PRO B 269 23.78 54.90 24.00
N PRO B 270 24.60 55.90 23.62
CA PRO B 270 24.14 56.99 22.75
C PRO B 270 23.77 56.60 21.31
N ASP B 271 24.41 55.57 20.75
CA ASP B 271 24.04 55.09 19.40
C ASP B 271 22.63 54.47 19.37
N VAL B 272 22.25 53.81 20.47
CA VAL B 272 20.92 53.23 20.64
C VAL B 272 19.89 54.33 20.88
N LEU B 273 20.24 55.30 21.72
CA LEU B 273 19.38 56.45 22.01
C LEU B 273 19.03 57.25 20.75
N GLN B 274 20.01 57.40 19.87
CA GLN B 274 19.84 58.08 18.59
C GLN B 274 18.89 57.31 17.66
N ASP B 275 19.04 55.98 17.61
CA ASP B 275 18.19 55.10 16.78
C ASP B 275 16.89 54.64 17.45
N MET B 276 16.53 55.22 18.61
CA MET B 276 15.46 54.69 19.47
C MET B 276 14.10 54.53 18.76
N ALA B 277 13.71 55.53 17.99
CA ALA B 277 12.43 55.50 17.25
C ALA B 277 12.42 54.46 16.13
N VAL B 278 13.60 54.17 15.58
CA VAL B 278 13.75 53.17 14.51
C VAL B 278 13.75 51.77 15.13
N ILE B 279 14.46 51.62 16.24
CA ILE B 279 14.55 50.34 16.96
C ILE B 279 13.20 49.96 17.58
N ALA B 280 12.58 50.92 18.25
CA ALA B 280 11.34 50.69 18.99
C ALA B 280 10.26 51.71 18.61
N PRO B 281 9.64 51.55 17.41
CA PRO B 281 8.52 52.41 17.02
C PRO B 281 7.20 52.21 17.82
N MET B 282 7.17 51.23 18.72
CA MET B 282 6.01 50.99 19.58
C MET B 282 5.99 51.95 20.76
N LEU B 283 7.16 52.47 21.15
CA LEU B 283 7.23 53.56 22.14
C LEU B 283 6.28 54.70 21.79
N ALA B 284 6.41 55.21 20.58
CA ALA B 284 5.58 56.33 20.10
C ALA B 284 4.10 55.94 19.98
N LYS B 285 3.82 54.78 19.39
CA LYS B 285 2.44 54.27 19.28
C LYS B 285 1.75 54.15 20.64
N LEU B 286 2.52 53.83 21.68
CA LEU B 286 2.02 53.69 23.04
C LEU B 286 2.23 54.95 23.91
N GLY B 287 2.35 56.12 23.28
CA GLY B 287 2.45 57.39 24.00
C GLY B 287 3.74 57.70 24.75
N TYR B 288 4.83 56.99 24.45
CA TYR B 288 6.14 57.27 25.03
C TYR B 288 7.01 58.02 24.01
N ASP B 289 7.53 59.18 24.41
CA ASP B 289 8.40 59.95 23.54
C ASP B 289 9.74 59.22 23.44
N PRO B 290 10.13 58.76 22.23
CA PRO B 290 11.38 58.01 22.10
C PRO B 290 12.67 58.83 22.29
N TYR B 291 12.57 60.15 22.19
CA TYR B 291 13.72 61.05 22.38
C TYR B 291 13.68 61.87 23.68
N ALA B 292 12.66 61.67 24.52
CA ALA B 292 12.62 62.26 25.86
C ALA B 292 13.39 61.35 26.82
N ASN B 293 14.30 61.95 27.60
N ASN B 293 14.24 61.96 27.65
CA ASN B 293 15.17 61.20 28.52
CA ASN B 293 15.18 61.26 28.52
C ASN B 293 15.06 61.72 29.96
C ASN B 293 15.06 61.74 29.97
N PRO B 294 13.98 61.34 30.68
CA PRO B 294 12.83 60.51 30.28
C PRO B 294 11.65 61.36 29.82
N PRO B 295 10.56 60.71 29.33
CA PRO B 295 9.33 61.46 29.09
C PRO B 295 8.71 61.98 30.37
N ASN B 296 7.80 62.93 30.22
CA ASN B 296 6.92 63.32 31.31
C ASN B 296 5.76 62.31 31.29
N TYR B 297 5.86 61.31 32.16
CA TYR B 297 4.81 60.30 32.31
C TYR B 297 3.56 60.89 32.95
N GLY B 298 3.74 61.93 33.77
CA GLY B 298 2.67 62.55 34.54
C GLY B 298 3.09 62.55 35.99
N LYS B 299 2.35 63.27 36.83
CA LYS B 299 2.60 63.32 38.27
C LYS B 299 1.29 63.19 39.04
N PRO B 300 1.33 62.63 40.27
CA PRO B 300 0.09 62.24 40.97
C PRO B 300 -0.77 63.42 41.42
N ALA C 26 -28.18 -19.38 -23.01
CA ALA C 26 -27.53 -18.26 -23.76
C ALA C 26 -26.58 -18.78 -24.85
N TYR C 27 -25.60 -19.59 -24.44
CA TYR C 27 -24.59 -20.14 -25.35
C TYR C 27 -24.15 -21.55 -24.95
N HIS C 28 -23.84 -22.37 -25.95
CA HIS C 28 -23.39 -23.75 -25.75
C HIS C 28 -22.69 -24.30 -27.00
N LYS C 29 -22.02 -25.43 -26.84
CA LYS C 29 -21.16 -26.00 -27.90
C LYS C 29 -21.89 -26.52 -29.16
N ASP C 30 -23.21 -26.72 -29.07
CA ASP C 30 -24.03 -27.15 -30.23
C ASP C 30 -24.73 -26.00 -30.98
N MET C 31 -24.39 -24.75 -30.67
CA MET C 31 -25.05 -23.60 -31.30
C MET C 31 -24.54 -23.34 -32.72
N PRO C 32 -25.37 -22.72 -33.59
CA PRO C 32 -25.00 -22.58 -35.00
C PRO C 32 -23.94 -21.49 -35.26
N LEU C 33 -22.68 -21.82 -34.99
CA LEU C 33 -21.57 -20.90 -35.19
C LEU C 33 -21.19 -20.75 -36.66
N ILE C 34 -20.54 -19.63 -36.97
CA ILE C 34 -20.04 -19.36 -38.31
C ILE C 34 -18.57 -18.94 -38.18
N PHE C 35 -17.68 -19.73 -38.77
CA PHE C 35 -16.25 -19.42 -38.76
C PHE C 35 -15.82 -19.02 -40.17
N ILE C 36 -15.42 -17.76 -40.32
CA ILE C 36 -14.85 -17.27 -41.57
C ILE C 36 -13.33 -17.31 -41.46
N GLY C 37 -12.68 -17.75 -42.53
CA GLY C 37 -11.23 -17.76 -42.58
C GLY C 37 -10.67 -17.76 -43.98
N GLY C 38 -9.38 -18.07 -44.08
CA GLY C 38 -8.64 -18.02 -45.34
C GLY C 38 -7.29 -17.41 -45.07
N VAL C 39 -6.48 -17.29 -46.13
CA VAL C 39 -5.18 -16.64 -46.00
C VAL C 39 -5.48 -15.15 -45.91
N PRO C 40 -4.74 -14.40 -45.05
CA PRO C 40 -4.96 -12.96 -45.03
C PRO C 40 -4.80 -12.28 -46.41
N ARG C 41 -5.43 -11.11 -46.54
CA ARG C 41 -5.57 -10.40 -47.80
C ARG C 41 -6.35 -11.21 -48.86
N SER C 42 -7.39 -11.94 -48.42
CA SER C 42 -8.27 -12.68 -49.34
C SER C 42 -9.74 -12.26 -49.20
N GLY C 43 -9.97 -11.08 -48.63
CA GLY C 43 -11.32 -10.54 -48.45
C GLY C 43 -12.09 -11.02 -47.23
N THR C 44 -11.38 -11.46 -46.19
CA THR C 44 -12.02 -11.95 -44.98
C THR C 44 -12.73 -10.86 -44.17
N THR C 45 -12.14 -9.66 -44.13
CA THR C 45 -12.77 -8.51 -43.45
C THR C 45 -14.02 -8.04 -44.17
N LEU C 46 -13.97 -8.02 -45.51
CA LEU C 46 -15.14 -7.70 -46.33
C LEU C 46 -16.27 -8.71 -46.08
N MET C 47 -15.92 -9.99 -46.02
CA MET C 47 -16.90 -11.05 -45.83
C MET C 47 -17.63 -10.90 -44.50
N ARG C 48 -16.87 -10.73 -43.42
CA ARG C 48 -17.48 -10.58 -42.09
C ARG C 48 -18.21 -9.24 -41.94
N ALA C 49 -17.70 -8.19 -42.58
CA ALA C 49 -18.37 -6.89 -42.58
C ALA C 49 -19.75 -6.95 -43.26
N MET C 50 -19.83 -7.71 -44.34
CA MET C 50 -21.07 -7.91 -45.08
C MET C 50 -22.05 -8.76 -44.28
N LEU C 51 -21.54 -9.76 -43.57
CA LEU C 51 -22.37 -10.54 -42.66
C LEU C 51 -22.77 -9.71 -41.42
N ASP C 52 -21.85 -8.91 -40.89
CA ASP C 52 -22.16 -7.99 -39.77
C ASP C 52 -23.24 -6.95 -40.10
N ALA C 53 -23.30 -6.52 -41.36
CA ALA C 53 -24.32 -5.58 -41.83
C ALA C 53 -25.75 -6.13 -41.71
N HIS C 54 -25.88 -7.45 -41.74
CA HIS C 54 -27.14 -8.14 -41.42
C HIS C 54 -27.48 -7.86 -39.96
N PRO C 55 -28.73 -7.47 -39.67
CA PRO C 55 -29.06 -7.12 -38.27
C PRO C 55 -29.06 -8.30 -37.29
N ASP C 56 -29.42 -9.48 -37.77
CA ASP C 56 -29.42 -10.73 -36.98
C ASP C 56 -28.07 -11.47 -36.87
N ILE C 57 -27.02 -11.00 -37.53
CA ILE C 57 -25.69 -11.65 -37.47
C ILE C 57 -24.64 -10.72 -36.88
N ARG C 58 -23.82 -11.26 -35.98
CA ARG C 58 -22.66 -10.56 -35.43
C ARG C 58 -21.41 -11.43 -35.55
N CYS C 59 -20.38 -10.89 -36.19
CA CYS C 59 -19.09 -11.56 -36.28
C CYS C 59 -18.05 -10.83 -35.45
N GLY C 60 -17.89 -9.53 -35.72
CA GLY C 60 -17.00 -8.69 -34.94
C GLY C 60 -15.57 -8.78 -35.41
N GLU C 61 -14.70 -8.12 -34.66
CA GLU C 61 -13.30 -7.93 -35.04
C GLU C 61 -12.52 -9.22 -34.87
N GLU C 62 -11.31 -9.26 -35.43
CA GLU C 62 -10.41 -10.40 -35.23
C GLU C 62 -10.02 -10.50 -33.76
N THR C 63 -10.26 -11.67 -33.16
CA THR C 63 -9.96 -11.89 -31.75
C THR C 63 -8.47 -12.08 -31.53
N ARG C 64 -7.76 -12.62 -32.52
CA ARG C 64 -6.30 -12.86 -32.48
C ARG C 64 -5.90 -14.03 -31.58
N VAL C 65 -6.49 -14.10 -30.39
CA VAL C 65 -6.24 -15.20 -29.44
C VAL C 65 -6.71 -16.58 -29.94
N ILE C 66 -7.75 -16.61 -30.77
CA ILE C 66 -8.34 -17.89 -31.20
C ILE C 66 -7.38 -18.75 -32.06
N PRO C 67 -6.79 -18.17 -33.12
CA PRO C 67 -5.78 -18.92 -33.90
C PRO C 67 -4.59 -19.42 -33.08
N ARG C 68 -4.14 -18.61 -32.13
CA ARG C 68 -2.95 -18.93 -31.32
C ARG C 68 -3.17 -20.12 -30.40
N ILE C 69 -4.28 -20.13 -29.68
CA ILE C 69 -4.62 -21.27 -28.80
C ILE C 69 -4.95 -22.55 -29.58
N LEU C 70 -5.50 -22.39 -30.78
CA LEU C 70 -5.70 -23.53 -31.70
C LEU C 70 -4.35 -24.05 -32.20
N ALA C 71 -3.45 -23.14 -32.56
CA ALA C 71 -2.09 -23.50 -32.98
C ALA C 71 -1.31 -24.20 -31.86
N LEU C 72 -1.51 -23.73 -30.63
CA LEU C 72 -0.88 -24.32 -29.44
C LEU C 72 -1.42 -25.73 -29.18
N LYS C 73 -2.74 -25.87 -29.21
CA LYS C 73 -3.44 -27.17 -29.12
C LYS C 73 -2.96 -28.15 -30.18
N GLN C 74 -2.79 -27.66 -31.41
CA GLN C 74 -2.36 -28.52 -32.53
C GLN C 74 -0.94 -29.03 -32.32
N MET C 75 -0.04 -28.18 -31.82
CA MET C 75 1.34 -28.58 -31.50
C MET C 75 1.45 -29.64 -30.41
N TRP C 76 0.52 -29.65 -29.46
CA TRP C 76 0.49 -30.68 -28.41
C TRP C 76 0.12 -32.06 -28.95
N SER C 77 -0.98 -32.11 -29.70
CA SER C 77 -1.52 -33.37 -30.23
C SER C 77 -0.66 -33.99 -31.34
N ARG C 78 -0.03 -33.16 -32.17
CA ARG C 78 0.84 -33.64 -33.26
C ARG C 78 2.10 -34.34 -32.75
N SER C 79 2.71 -33.81 -31.69
CA SER C 79 3.85 -34.47 -31.04
C SER C 79 3.35 -35.69 -30.27
N SER C 80 3.73 -36.88 -30.72
CA SER C 80 3.29 -38.12 -30.06
C SER C 80 3.95 -38.35 -28.70
N LYS C 81 5.11 -37.73 -28.49
CA LYS C 81 5.79 -37.75 -27.19
C LYS C 81 4.98 -36.97 -26.14
N GLU C 82 4.63 -35.73 -26.49
CA GLU C 82 3.82 -34.85 -25.64
C GLU C 82 2.40 -35.36 -25.44
N LYS C 83 1.85 -36.03 -26.46
CA LYS C 83 0.51 -36.61 -26.41
C LYS C 83 0.42 -37.75 -25.39
N ILE C 84 1.48 -38.55 -25.29
CA ILE C 84 1.61 -39.61 -24.27
C ILE C 84 1.71 -39.02 -22.86
N ARG C 85 2.47 -37.93 -22.72
CA ARG C 85 2.61 -37.25 -21.41
C ARG C 85 1.30 -36.65 -20.89
N LEU C 86 0.52 -36.06 -21.80
CA LEU C 86 -0.81 -35.51 -21.47
C LEU C 86 -1.84 -36.60 -21.18
N ASP C 87 -1.79 -37.70 -21.94
CA ASP C 87 -2.68 -38.87 -21.70
C ASP C 87 -2.38 -39.56 -20.37
N GLU C 88 -1.10 -39.75 -20.07
CA GLU C 88 -0.65 -40.26 -18.76
C GLU C 88 -0.99 -39.30 -17.62
N ALA C 89 -1.07 -38.01 -17.92
CA ALA C 89 -1.53 -37.00 -16.97
C ALA C 89 -3.06 -36.89 -16.82
N GLY C 90 -3.81 -37.73 -17.54
CA GLY C 90 -5.28 -37.66 -17.55
C GLY C 90 -5.87 -36.58 -18.43
N VAL C 91 -5.01 -35.79 -19.08
CA VAL C 91 -5.44 -34.72 -19.99
C VAL C 91 -5.58 -35.34 -21.39
N THR C 92 -6.68 -36.06 -21.57
CA THR C 92 -6.99 -36.75 -22.82
C THR C 92 -7.60 -35.77 -23.83
N ASP C 93 -7.84 -36.28 -25.04
CA ASP C 93 -8.55 -35.52 -26.08
C ASP C 93 -9.93 -35.04 -25.59
N GLU C 94 -10.69 -35.92 -24.92
CA GLU C 94 -11.97 -35.52 -24.32
C GLU C 94 -11.84 -34.28 -23.42
N VAL C 95 -10.79 -34.24 -22.62
CA VAL C 95 -10.55 -33.16 -21.66
C VAL C 95 -10.10 -31.87 -22.38
N LEU C 96 -9.09 -31.99 -23.22
CA LEU C 96 -8.61 -30.85 -24.01
C LEU C 96 -9.70 -30.27 -24.90
N ASP C 97 -10.46 -31.15 -25.55
CA ASP C 97 -11.57 -30.71 -26.41
C ASP C 97 -12.63 -29.98 -25.59
N SER C 98 -12.93 -30.51 -24.41
CA SER C 98 -13.88 -29.86 -23.50
C SER C 98 -13.39 -28.48 -23.03
N ALA C 99 -12.09 -28.36 -22.77
CA ALA C 99 -11.48 -27.09 -22.34
C ALA C 99 -11.41 -26.08 -23.48
N MET C 100 -10.98 -26.54 -24.66
CA MET C 100 -10.92 -25.70 -25.86
C MET C 100 -12.30 -25.16 -26.23
N GLN C 101 -13.33 -26.02 -26.18
CA GLN C 101 -14.72 -25.60 -26.38
C GLN C 101 -15.11 -24.43 -25.50
N ALA C 102 -14.80 -24.54 -24.22
CA ALA C 102 -15.17 -23.54 -23.22
C ALA C 102 -14.45 -22.20 -23.42
N PHE C 103 -13.13 -22.25 -23.64
CA PHE C 103 -12.33 -21.06 -23.94
C PHE C 103 -12.87 -20.34 -25.18
N LEU C 104 -12.96 -21.07 -26.29
CA LEU C 104 -13.38 -20.50 -27.58
C LEU C 104 -14.78 -19.89 -27.55
N LEU C 105 -15.72 -20.53 -26.84
CA LEU C 105 -17.08 -20.00 -26.70
C LEU C 105 -17.13 -18.70 -25.91
N GLU C 106 -16.31 -18.59 -24.86
CA GLU C 106 -16.25 -17.36 -24.06
C GLU C 106 -15.76 -16.18 -24.90
N ILE C 107 -14.73 -16.40 -25.72
CA ILE C 107 -14.19 -15.34 -26.57
C ILE C 107 -15.25 -14.92 -27.60
N ILE C 108 -15.74 -15.88 -28.38
CA ILE C 108 -16.69 -15.64 -29.46
C ILE C 108 -17.96 -14.93 -28.97
N VAL C 109 -18.53 -15.42 -27.88
CA VAL C 109 -19.76 -14.87 -27.33
C VAL C 109 -19.55 -13.49 -26.69
N LYS C 110 -18.54 -13.37 -25.81
CA LYS C 110 -18.37 -12.17 -24.98
C LYS C 110 -17.66 -10.98 -25.64
N HIS C 111 -16.83 -11.23 -26.66
CA HIS C 111 -16.02 -10.15 -27.26
C HIS C 111 -16.82 -9.17 -28.14
N GLY C 112 -18.05 -9.52 -28.50
CA GLY C 112 -18.93 -8.63 -29.26
C GLY C 112 -20.33 -8.62 -28.69
N GLU C 113 -21.20 -7.83 -29.30
CA GLU C 113 -22.61 -7.74 -28.87
C GLU C 113 -23.34 -9.04 -29.20
N PRO C 114 -24.37 -9.38 -28.40
CA PRO C 114 -25.11 -10.63 -28.67
C PRO C 114 -25.94 -10.56 -29.96
N ALA C 115 -26.09 -11.71 -30.62
CA ALA C 115 -26.89 -11.81 -31.85
C ALA C 115 -27.47 -13.21 -32.04
N PRO C 116 -28.59 -13.32 -32.80
CA PRO C 116 -29.20 -14.60 -33.21
C PRO C 116 -28.20 -15.61 -33.80
N TYR C 117 -27.33 -15.13 -34.69
CA TYR C 117 -26.29 -15.96 -35.30
C TYR C 117 -24.94 -15.37 -34.96
N LEU C 118 -24.14 -16.14 -34.20
CA LEU C 118 -22.80 -15.71 -33.84
C LEU C 118 -21.77 -16.18 -34.87
N CYS C 119 -20.77 -15.34 -35.08
CA CYS C 119 -19.77 -15.54 -36.11
C CYS C 119 -18.39 -15.19 -35.56
N ASN C 120 -17.36 -15.68 -36.24
CA ASN C 120 -15.97 -15.36 -35.91
C ASN C 120 -15.11 -15.32 -37.16
N LYS C 121 -14.40 -14.21 -37.35
CA LYS C 121 -13.42 -14.09 -38.42
C LYS C 121 -12.04 -14.06 -37.79
N ASP C 122 -11.28 -15.12 -38.03
CA ASP C 122 -9.86 -15.19 -37.68
C ASP C 122 -9.21 -16.03 -38.79
N PRO C 123 -8.55 -15.38 -39.77
CA PRO C 123 -8.07 -16.06 -40.99
C PRO C 123 -7.49 -17.47 -40.81
N PHE C 124 -6.48 -17.60 -39.95
CA PHE C 124 -5.79 -18.89 -39.74
C PHE C 124 -6.44 -19.81 -38.70
N ALA C 125 -7.59 -19.45 -38.16
CA ALA C 125 -8.39 -20.38 -37.35
C ALA C 125 -8.81 -21.60 -38.17
N LEU C 126 -9.04 -21.41 -39.47
CA LEU C 126 -9.41 -22.49 -40.39
C LEU C 126 -8.27 -23.49 -40.70
N LYS C 127 -7.04 -23.21 -40.26
CA LYS C 127 -6.00 -24.25 -40.17
C LYS C 127 -6.39 -25.37 -39.18
N SER C 128 -7.32 -25.08 -38.26
CA SER C 128 -7.95 -26.09 -37.40
C SER C 128 -9.44 -26.30 -37.73
N LEU C 129 -9.79 -26.26 -39.02
CA LEU C 129 -11.20 -26.33 -39.46
C LEU C 129 -11.85 -27.65 -39.05
N THR C 130 -11.19 -28.77 -39.39
CA THR C 130 -11.69 -30.11 -39.02
C THR C 130 -11.86 -30.25 -37.50
N TYR C 131 -10.87 -29.77 -36.75
CA TYR C 131 -10.93 -29.79 -35.29
C TYR C 131 -12.11 -28.96 -34.76
N LEU C 132 -12.28 -27.75 -35.29
CA LEU C 132 -13.38 -26.87 -34.89
C LEU C 132 -14.74 -27.45 -35.27
N SER C 133 -14.80 -28.10 -36.43
CA SER C 133 -16.01 -28.82 -36.84
C SER C 133 -16.39 -29.92 -35.85
N ARG C 134 -15.37 -30.63 -35.35
CA ARG C 134 -15.56 -31.66 -34.33
C ARG C 134 -15.98 -31.06 -32.99
N LEU C 135 -15.33 -29.96 -32.59
CA LEU C 135 -15.70 -29.27 -31.36
C LEU C 135 -17.11 -28.69 -31.40
N PHE C 136 -17.47 -28.09 -32.54
CA PHE C 136 -18.77 -27.42 -32.73
C PHE C 136 -19.52 -28.08 -33.89
N PRO C 137 -20.29 -29.16 -33.60
CA PRO C 137 -20.90 -29.96 -34.69
C PRO C 137 -21.87 -29.21 -35.62
N ASN C 138 -22.61 -28.24 -35.09
CA ASN C 138 -23.50 -27.39 -35.90
C ASN C 138 -22.87 -26.09 -36.42
N ALA C 139 -21.54 -25.97 -36.33
CA ALA C 139 -20.83 -24.83 -36.90
C ALA C 139 -20.70 -24.98 -38.41
N LYS C 140 -20.69 -23.85 -39.12
CA LYS C 140 -20.49 -23.80 -40.56
C LYS C 140 -19.28 -22.91 -40.89
N PHE C 141 -18.61 -23.20 -42.00
CA PHE C 141 -17.32 -22.58 -42.28
C PHE C 141 -17.35 -21.92 -43.65
N LEU C 142 -16.91 -20.66 -43.71
CA LEU C 142 -16.71 -19.94 -44.97
C LEU C 142 -15.21 -19.75 -45.22
N LEU C 143 -14.64 -20.57 -46.08
CA LEU C 143 -13.25 -20.40 -46.48
C LEU C 143 -13.15 -19.39 -47.63
N MET C 144 -12.74 -18.17 -47.30
CA MET C 144 -12.47 -17.16 -48.31
C MET C 144 -11.29 -17.58 -49.16
N VAL C 145 -11.45 -17.45 -50.46
CA VAL C 145 -10.43 -17.81 -51.43
C VAL C 145 -10.25 -16.63 -52.36
N ARG C 146 -9.00 -16.29 -52.64
CA ARG C 146 -8.66 -15.22 -53.56
C ARG C 146 -7.49 -15.67 -54.39
N ASP C 147 -7.34 -15.10 -55.58
CA ASP C 147 -6.17 -15.36 -56.42
C ASP C 147 -4.92 -15.02 -55.60
N GLY C 148 -4.13 -16.05 -55.29
CA GLY C 148 -2.92 -15.92 -54.47
C GLY C 148 -1.96 -14.83 -54.91
N ARG C 149 -1.90 -14.60 -56.22
CA ARG C 149 -1.15 -13.49 -56.80
C ARG C 149 -1.66 -12.13 -56.29
N ALA C 150 -2.98 -11.98 -56.18
CA ALA C 150 -3.61 -10.78 -55.61
C ALA C 150 -3.36 -10.65 -54.10
N SER C 151 -3.49 -11.77 -53.37
CA SER C 151 -3.23 -11.80 -51.93
C SER C 151 -1.77 -11.54 -51.58
N VAL C 152 -0.85 -12.14 -52.35
CA VAL C 152 0.57 -11.94 -52.13
C VAL C 152 0.98 -10.50 -52.46
N HIS C 153 0.49 -9.97 -53.58
CA HIS C 153 0.73 -8.57 -53.93
C HIS C 153 0.18 -7.60 -52.87
N SER C 154 -1.00 -7.90 -52.35
CA SER C 154 -1.63 -7.10 -51.31
C SER C 154 -0.75 -6.98 -50.07
N MET C 155 -0.32 -8.13 -49.53
CA MET C 155 0.47 -8.17 -48.30
C MET C 155 1.91 -7.63 -48.46
N ILE C 156 2.45 -7.67 -49.68
CA ILE C 156 3.76 -7.09 -49.97
C ILE C 156 3.67 -5.56 -50.14
N SER C 157 2.70 -5.11 -50.95
CA SER C 157 2.54 -3.68 -51.24
C SER C 157 2.10 -2.87 -50.01
N ARG C 158 1.10 -3.37 -49.29
CA ARG C 158 0.64 -2.74 -48.04
C ARG C 158 1.52 -3.04 -46.81
N LYS C 159 2.49 -3.95 -46.98
CA LYS C 159 3.46 -4.32 -45.92
C LYS C 159 2.76 -4.89 -44.69
N VAL C 160 1.95 -5.92 -44.95
CA VAL C 160 1.19 -6.63 -43.93
C VAL C 160 2.01 -7.84 -43.48
N THR C 161 2.58 -7.76 -42.28
CA THR C 161 3.48 -8.81 -41.78
C THR C 161 2.70 -10.04 -41.31
N ILE C 162 3.14 -11.21 -41.78
CA ILE C 162 2.54 -12.50 -41.40
C ILE C 162 3.67 -13.44 -40.98
N ALA C 163 3.40 -14.30 -40.00
CA ALA C 163 4.40 -15.23 -39.47
C ALA C 163 4.78 -16.27 -40.52
N GLY C 164 6.07 -16.31 -40.86
CA GLY C 164 6.61 -17.20 -41.89
C GLY C 164 6.60 -16.66 -43.33
N PHE C 165 6.15 -15.41 -43.52
CA PHE C 165 6.03 -14.79 -44.84
C PHE C 165 7.10 -13.70 -45.00
N ASP C 166 8.04 -13.93 -45.91
CA ASP C 166 9.09 -12.94 -46.21
C ASP C 166 8.60 -11.98 -47.30
N LEU C 167 8.26 -10.75 -46.89
CA LEU C 167 7.65 -9.76 -47.80
C LEU C 167 8.57 -9.22 -48.89
N ASN C 168 9.89 -9.41 -48.73
CA ASN C 168 10.85 -9.05 -49.77
C ASN C 168 10.85 -10.00 -50.97
N SER C 169 10.19 -11.16 -50.87
CA SER C 169 10.13 -12.15 -51.95
C SER C 169 8.69 -12.56 -52.29
N TYR C 170 8.28 -12.28 -53.53
CA TYR C 170 7.01 -12.79 -54.08
C TYR C 170 6.98 -14.32 -54.14
N ARG C 171 8.14 -14.92 -54.44
CA ARG C 171 8.29 -16.37 -54.57
C ARG C 171 7.97 -17.09 -53.27
N ASP C 172 8.57 -16.61 -52.18
CA ASP C 172 8.38 -17.20 -50.87
C ASP C 172 6.94 -17.01 -50.38
N CYS C 173 6.40 -15.81 -50.55
CA CYS C 173 5.03 -15.54 -50.14
C CYS C 173 4.01 -16.41 -50.87
N LEU C 174 4.21 -16.63 -52.17
CA LEU C 174 3.37 -17.54 -52.94
C LEU C 174 3.51 -18.99 -52.49
N THR C 175 4.73 -19.38 -52.13
CA THR C 175 5.01 -20.72 -51.59
C THR C 175 4.27 -20.93 -50.26
N LYS C 176 4.22 -19.90 -49.44
CA LYS C 176 3.59 -19.94 -48.13
C LYS C 176 2.07 -19.78 -48.24
N TRP C 177 1.62 -18.98 -49.21
CA TRP C 177 0.20 -18.88 -49.55
C TRP C 177 -0.32 -20.24 -49.98
N ASN C 178 0.42 -20.87 -50.89
CA ASN C 178 0.12 -22.20 -51.40
C ASN C 178 -0.04 -23.22 -50.29
N ARG C 179 0.94 -23.24 -49.39
CA ARG C 179 0.96 -24.17 -48.25
C ARG C 179 -0.22 -23.93 -47.31
N ALA C 180 -0.46 -22.65 -46.98
CA ALA C 180 -1.51 -22.26 -46.05
C ALA C 180 -2.91 -22.54 -46.59
N ILE C 181 -3.15 -22.21 -47.86
CA ILE C 181 -4.46 -22.44 -48.46
C ILE C 181 -4.74 -23.93 -48.66
N GLU C 182 -3.71 -24.70 -49.01
CA GLU C 182 -3.84 -26.17 -49.17
C GLU C 182 -4.27 -26.86 -47.86
N THR C 183 -3.70 -26.43 -46.74
CA THR C 183 -4.07 -26.96 -45.44
C THR C 183 -5.56 -26.76 -45.15
N MET C 184 -6.04 -25.54 -45.40
CA MET C 184 -7.41 -25.15 -45.09
C MET C 184 -8.44 -25.70 -46.08
N TYR C 185 -8.06 -25.72 -47.36
CA TYR C 185 -8.85 -26.32 -48.44
C TYR C 185 -9.09 -27.81 -48.21
N ASN C 186 -8.03 -28.57 -47.97
CA ASN C 186 -8.15 -30.02 -47.72
C ASN C 186 -9.09 -30.35 -46.57
N GLN C 187 -9.06 -29.52 -45.53
CA GLN C 187 -9.96 -29.66 -44.38
C GLN C 187 -11.39 -29.26 -44.73
N CYS C 188 -11.53 -28.19 -45.51
CA CYS C 188 -12.84 -27.73 -46.01
C CYS C 188 -13.49 -28.82 -46.87
N MET C 189 -12.70 -29.46 -47.72
CA MET C 189 -13.18 -30.56 -48.55
C MET C 189 -13.53 -31.81 -47.72
N GLU C 190 -12.69 -32.14 -46.74
CA GLU C 190 -12.94 -33.29 -45.84
C GLU C 190 -14.29 -33.22 -45.12
N VAL C 191 -14.63 -32.05 -44.59
CA VAL C 191 -15.90 -31.86 -43.86
C VAL C 191 -17.12 -31.82 -44.79
N GLY C 192 -16.91 -31.38 -46.03
CA GLY C 192 -17.94 -31.49 -47.07
C GLY C 192 -18.73 -30.23 -47.33
N TYR C 193 -19.60 -30.31 -48.33
CA TYR C 193 -20.34 -29.17 -48.86
C TYR C 193 -21.42 -28.58 -47.95
N LYS C 194 -21.86 -29.33 -46.93
CA LYS C 194 -22.85 -28.82 -45.95
C LYS C 194 -22.20 -28.09 -44.77
N LYS C 195 -20.99 -28.51 -44.40
CA LYS C 195 -20.24 -27.86 -43.33
C LYS C 195 -19.33 -26.72 -43.83
N CYS C 196 -18.79 -26.83 -45.05
CA CYS C 196 -17.86 -25.83 -45.56
C CYS C 196 -18.19 -25.42 -46.98
N MET C 197 -17.90 -24.15 -47.27
CA MET C 197 -18.14 -23.58 -48.58
C MET C 197 -16.98 -22.67 -48.98
N LEU C 198 -16.45 -22.89 -50.17
CA LEU C 198 -15.47 -21.99 -50.76
C LEU C 198 -16.16 -20.71 -51.21
N VAL C 199 -15.59 -19.57 -50.81
CA VAL C 199 -16.11 -18.24 -51.19
C VAL C 199 -15.02 -17.49 -51.95
N HIS C 200 -15.16 -17.40 -53.27
CA HIS C 200 -14.18 -16.72 -54.11
C HIS C 200 -14.37 -15.21 -54.08
N TYR C 201 -13.31 -14.51 -53.65
CA TYR C 201 -13.35 -13.06 -53.41
C TYR C 201 -13.74 -12.28 -54.66
N GLU C 202 -13.18 -12.66 -55.79
CA GLU C 202 -13.41 -11.94 -57.04
C GLU C 202 -14.86 -12.07 -57.47
N GLN C 203 -15.46 -13.23 -57.21
CA GLN C 203 -16.87 -13.46 -57.52
C GLN C 203 -17.79 -12.71 -56.53
N LEU C 204 -17.38 -12.63 -55.26
CA LEU C 204 -18.13 -11.85 -54.27
C LEU C 204 -18.20 -10.36 -54.62
N VAL C 205 -17.07 -9.77 -55.01
CA VAL C 205 -17.02 -8.34 -55.34
C VAL C 205 -17.67 -8.00 -56.68
N LEU C 206 -17.55 -8.92 -57.64
CA LEU C 206 -18.24 -8.81 -58.94
C LEU C 206 -19.74 -9.00 -58.81
N HIS C 207 -20.16 -10.04 -58.10
CA HIS C 207 -21.57 -10.43 -58.02
C HIS C 207 -22.06 -10.54 -56.57
N PRO C 208 -22.07 -9.42 -55.83
CA PRO C 208 -22.40 -9.47 -54.41
C PRO C 208 -23.80 -9.96 -54.07
N GLU C 209 -24.81 -9.58 -54.85
CA GLU C 209 -26.19 -10.02 -54.57
C GLU C 209 -26.34 -11.52 -54.78
N ARG C 210 -25.73 -12.03 -55.85
CA ARG C 210 -25.77 -13.46 -56.16
C ARG C 210 -25.17 -14.31 -55.03
N TRP C 211 -24.00 -13.90 -54.54
CA TRP C 211 -23.25 -14.71 -53.58
CA TRP C 211 -23.22 -14.69 -53.57
C TRP C 211 -23.72 -14.58 -52.13
N MET C 212 -24.16 -13.39 -51.74
CA MET C 212 -24.75 -13.21 -50.40
C MET C 212 -26.07 -13.96 -50.26
N ARG C 213 -26.83 -14.06 -51.34
CA ARG C 213 -28.04 -14.88 -51.38
C ARG C 213 -27.70 -16.37 -51.28
N THR C 214 -26.68 -16.80 -52.01
CA THR C 214 -26.17 -18.18 -51.90
C THR C 214 -25.59 -18.50 -50.51
N LEU C 215 -24.91 -17.52 -49.91
CA LEU C 215 -24.23 -17.70 -48.63
C LEU C 215 -25.21 -17.79 -47.49
N LEU C 216 -26.17 -16.87 -47.44
CA LEU C 216 -27.20 -16.91 -46.41
C LEU C 216 -28.12 -18.14 -46.53
N LYS C 217 -28.30 -18.67 -47.75
CA LYS C 217 -28.96 -19.97 -47.96
C LYS C 217 -28.11 -21.13 -47.44
N PHE C 218 -26.80 -21.10 -47.72
CA PHE C 218 -25.85 -22.09 -47.17
C PHE C 218 -25.84 -22.08 -45.63
N LEU C 219 -25.82 -20.88 -45.05
CA LEU C 219 -25.86 -20.69 -43.61
C LEU C 219 -27.25 -20.89 -42.98
N GLN C 220 -28.28 -20.93 -43.83
CA GLN C 220 -29.69 -21.06 -43.40
C GLN C 220 -30.12 -19.86 -42.55
N ILE C 221 -29.79 -18.67 -43.02
CA ILE C 221 -30.15 -17.40 -42.39
C ILE C 221 -31.05 -16.67 -43.39
N PRO C 222 -32.13 -16.03 -42.91
CA PRO C 222 -32.99 -15.30 -43.86
C PRO C 222 -32.26 -14.18 -44.60
N TRP C 223 -32.71 -13.89 -45.82
CA TRP C 223 -32.17 -12.80 -46.61
C TRP C 223 -32.49 -11.45 -45.98
N ASN C 224 -31.51 -10.56 -45.99
CA ASN C 224 -31.70 -9.15 -45.65
C ASN C 224 -30.85 -8.31 -46.61
N HIS C 225 -31.49 -7.34 -47.26
CA HIS C 225 -30.83 -6.44 -48.22
C HIS C 225 -29.63 -5.66 -47.66
N SER C 226 -29.63 -5.41 -46.34
CA SER C 226 -28.60 -4.59 -45.69
C SER C 226 -27.15 -5.08 -45.88
N VAL C 227 -26.99 -6.36 -46.20
CA VAL C 227 -25.68 -6.93 -46.51
C VAL C 227 -25.01 -6.35 -47.75
N LEU C 228 -25.81 -5.77 -48.66
CA LEU C 228 -25.30 -5.13 -49.87
C LEU C 228 -24.94 -3.66 -49.73
N HIS C 229 -25.26 -3.04 -48.59
CA HIS C 229 -24.69 -1.73 -48.23
C HIS C 229 -24.10 -1.77 -46.81
N HIS C 230 -23.04 -2.57 -46.67
N HIS C 230 -23.03 -2.56 -46.68
CA HIS C 230 -22.33 -2.71 -45.39
CA HIS C 230 -22.31 -2.72 -45.41
C HIS C 230 -21.58 -1.45 -44.95
C HIS C 230 -21.59 -1.45 -44.94
N GLU C 231 -21.25 -0.57 -45.90
CA GLU C 231 -20.67 0.76 -45.59
C GLU C 231 -21.64 1.68 -44.81
N GLU C 232 -22.94 1.55 -45.05
CA GLU C 232 -23.96 2.34 -44.34
C GLU C 232 -24.22 1.86 -42.91
N MET C 233 -23.88 0.60 -42.62
CA MET C 233 -24.02 0.02 -41.28
C MET C 233 -22.72 0.08 -40.44
N ILE C 234 -21.75 0.92 -40.84
CA ILE C 234 -20.48 1.03 -40.13
C ILE C 234 -20.73 1.76 -38.82
N GLY C 235 -20.34 1.15 -37.70
CA GLY C 235 -20.43 1.75 -36.37
C GLY C 235 -21.84 1.92 -35.81
N LYS C 236 -22.82 1.23 -36.37
CA LYS C 236 -24.23 1.36 -35.96
C LYS C 236 -24.64 0.25 -35.00
N ALA C 237 -25.83 0.39 -34.43
CA ALA C 237 -26.38 -0.59 -33.49
C ALA C 237 -26.77 -1.88 -34.19
N GLY C 238 -26.12 -2.97 -33.81
CA GLY C 238 -26.32 -4.28 -34.45
C GLY C 238 -25.77 -4.33 -35.86
N GLY C 239 -24.65 -3.65 -36.09
CA GLY C 239 -24.06 -3.48 -37.42
C GLY C 239 -22.59 -3.88 -37.42
N VAL C 240 -21.79 -3.14 -38.18
CA VAL C 240 -20.37 -3.46 -38.36
C VAL C 240 -19.50 -2.70 -37.35
N SER C 241 -18.93 -3.46 -36.40
CA SER C 241 -17.98 -2.93 -35.41
C SER C 241 -16.55 -3.17 -35.90
N LEU C 242 -15.84 -2.08 -36.20
CA LEU C 242 -14.47 -2.13 -36.75
C LEU C 242 -13.40 -1.86 -35.70
N SER C 243 -12.20 -2.38 -35.95
CA SER C 243 -11.01 -2.06 -35.17
C SER C 243 -10.23 -0.95 -35.89
N LYS C 244 -9.90 0.12 -35.17
CA LYS C 244 -9.12 1.23 -35.72
C LYS C 244 -7.65 0.88 -36.04
N VAL C 245 -7.15 -0.23 -35.48
CA VAL C 245 -5.77 -0.71 -35.71
C VAL C 245 -5.63 -1.89 -36.70
N GLU C 246 -6.74 -2.48 -37.15
CA GLU C 246 -6.70 -3.52 -38.20
C GLU C 246 -6.37 -2.90 -39.58
N ARG C 247 -5.71 -3.68 -40.43
CA ARG C 247 -5.19 -3.20 -41.71
C ARG C 247 -6.25 -3.06 -42.81
N SER C 248 -7.36 -3.79 -42.69
CA SER C 248 -8.46 -3.75 -43.66
C SER C 248 -9.54 -2.68 -43.37
N THR C 249 -9.34 -1.86 -42.33
CA THR C 249 -10.31 -0.84 -41.93
C THR C 249 -10.52 0.21 -43.03
N ASP C 250 -9.42 0.73 -43.57
CA ASP C 250 -9.50 1.79 -44.59
C ASP C 250 -10.11 1.34 -45.94
N GLN C 251 -10.12 0.04 -46.21
CA GLN C 251 -10.77 -0.51 -47.41
C GLN C 251 -12.23 -0.92 -47.18
N VAL C 252 -12.51 -1.49 -46.00
CA VAL C 252 -13.87 -1.97 -45.67
C VAL C 252 -14.91 -0.86 -45.44
N ILE C 253 -14.48 0.33 -45.05
CA ILE C 253 -15.42 1.47 -44.89
C ILE C 253 -16.06 1.92 -46.21
N LYS C 254 -15.41 1.61 -47.33
CA LYS C 254 -15.98 1.87 -48.66
C LYS C 254 -17.02 0.80 -49.03
N PRO C 255 -17.92 1.12 -49.98
CA PRO C 255 -18.83 0.08 -50.51
C PRO C 255 -18.10 -1.01 -51.29
N VAL C 256 -18.81 -2.09 -51.63
CA VAL C 256 -18.25 -3.17 -52.46
C VAL C 256 -17.84 -2.60 -53.82
N ASN C 257 -16.57 -2.76 -54.17
CA ASN C 257 -16.02 -2.33 -55.46
C ASN C 257 -15.09 -3.39 -56.05
N VAL C 258 -14.74 -3.23 -57.32
CA VAL C 258 -13.91 -4.21 -58.06
C VAL C 258 -12.49 -3.67 -58.35
N GLY C 259 -12.07 -2.66 -57.60
CA GLY C 259 -10.79 -2.00 -57.82
C GLY C 259 -9.56 -2.85 -57.52
N ALA C 260 -9.72 -3.84 -56.64
CA ALA C 260 -8.61 -4.69 -56.21
C ALA C 260 -8.63 -6.11 -56.82
N LEU C 261 -9.20 -6.27 -58.01
CA LEU C 261 -9.25 -7.59 -58.67
C LEU C 261 -7.92 -8.00 -59.27
N SER C 262 -7.25 -7.07 -59.96
CA SER C 262 -6.03 -7.37 -60.69
C SER C 262 -5.00 -6.23 -60.65
N LYS C 263 -4.85 -5.62 -59.47
CA LYS C 263 -3.75 -4.66 -59.22
C LYS C 263 -2.37 -5.34 -59.27
N TRP C 264 -2.36 -6.64 -58.95
CA TRP C 264 -1.13 -7.47 -59.03
C TRP C 264 -0.52 -7.65 -60.42
N VAL C 265 -1.29 -7.38 -61.48
CA VAL C 265 -0.85 -7.64 -62.86
C VAL C 265 0.28 -6.70 -63.26
N GLY C 266 1.43 -7.28 -63.65
CA GLY C 266 2.64 -6.53 -63.96
C GLY C 266 3.49 -6.13 -62.75
N LYS C 267 3.10 -6.57 -61.55
CA LYS C 267 3.83 -6.28 -60.31
C LYS C 267 4.62 -7.48 -59.76
N ILE C 268 4.42 -8.66 -60.36
CA ILE C 268 5.11 -9.88 -59.94
C ILE C 268 6.34 -10.07 -60.83
N PRO C 269 7.50 -10.40 -60.25
CA PRO C 269 8.70 -10.67 -61.05
C PRO C 269 8.48 -11.77 -62.11
N PRO C 270 9.09 -11.63 -63.31
CA PRO C 270 8.90 -12.62 -64.37
C PRO C 270 9.45 -14.02 -64.08
N ASP C 271 10.44 -14.13 -63.19
CA ASP C 271 10.95 -15.45 -62.76
C ASP C 271 9.88 -16.23 -61.99
N VAL C 272 9.07 -15.50 -61.23
CA VAL C 272 7.96 -16.07 -60.47
C VAL C 272 6.78 -16.37 -61.40
N LEU C 273 6.55 -15.52 -62.40
CA LEU C 273 5.49 -15.75 -63.39
C LEU C 273 5.71 -17.03 -64.21
N GLN C 274 6.96 -17.26 -64.62
CA GLN C 274 7.33 -18.48 -65.36
C GLN C 274 7.18 -19.74 -64.51
N ASP C 275 7.48 -19.64 -63.21
CA ASP C 275 7.36 -20.77 -62.27
C ASP C 275 6.05 -20.78 -61.49
N MET C 276 5.02 -20.08 -61.97
CA MET C 276 3.79 -19.85 -61.19
C MET C 276 3.01 -21.13 -60.86
N ALA C 277 2.91 -22.05 -61.81
CA ALA C 277 2.19 -23.31 -61.60
C ALA C 277 2.91 -24.30 -60.65
N VAL C 278 4.23 -24.22 -60.59
CA VAL C 278 5.04 -25.10 -59.74
C VAL C 278 5.03 -24.58 -58.30
N ILE C 279 5.15 -23.27 -58.14
CA ILE C 279 5.15 -22.60 -56.84
C ILE C 279 3.77 -22.72 -56.17
N ALA C 280 2.74 -22.35 -56.93
CA ALA C 280 1.37 -22.24 -56.44
C ALA C 280 0.40 -23.11 -57.27
N PRO C 281 0.49 -24.44 -57.12
CA PRO C 281 -0.45 -25.36 -57.82
C PRO C 281 -1.90 -25.27 -57.32
N MET C 282 -2.12 -24.65 -56.16
CA MET C 282 -3.46 -24.46 -55.60
C MET C 282 -4.27 -23.40 -56.35
N LEU C 283 -3.59 -22.51 -57.07
CA LEU C 283 -4.27 -21.60 -58.00
C LEU C 283 -5.17 -22.42 -58.94
N ALA C 284 -4.56 -23.38 -59.61
CA ALA C 284 -5.26 -24.27 -60.54
C ALA C 284 -6.39 -25.05 -59.87
N LYS C 285 -6.14 -25.60 -58.68
CA LYS C 285 -7.16 -26.35 -57.95
C LYS C 285 -8.37 -25.53 -57.54
N LEU C 286 -8.16 -24.23 -57.27
CA LEU C 286 -9.23 -23.29 -56.95
C LEU C 286 -9.83 -22.61 -58.18
N GLY C 287 -9.44 -23.04 -59.39
CA GLY C 287 -10.02 -22.53 -60.64
C GLY C 287 -9.32 -21.33 -61.25
N TYR C 288 -8.16 -20.94 -60.71
CA TYR C 288 -7.38 -19.82 -61.24
C TYR C 288 -6.30 -20.31 -62.19
N ASP C 289 -6.34 -19.82 -63.44
CA ASP C 289 -5.31 -20.12 -64.44
C ASP C 289 -3.98 -19.48 -64.02
N PRO C 290 -2.92 -20.30 -63.81
CA PRO C 290 -1.63 -19.74 -63.36
C PRO C 290 -0.83 -19.00 -64.43
N TYR C 291 -1.19 -19.13 -65.70
CA TYR C 291 -0.52 -18.41 -66.79
C TYR C 291 -1.40 -17.34 -67.45
N ALA C 292 -2.50 -16.97 -66.79
CA ALA C 292 -3.35 -15.84 -67.22
C ALA C 292 -3.07 -14.62 -66.35
N ASN C 293 -2.74 -13.50 -66.99
CA ASN C 293 -2.34 -12.25 -66.30
C ASN C 293 -3.27 -11.10 -66.71
N PRO C 294 -4.46 -10.98 -66.13
CA PRO C 294 -5.02 -11.88 -65.11
C PRO C 294 -6.00 -12.90 -65.71
N PRO C 295 -6.47 -13.86 -64.87
CA PRO C 295 -7.58 -14.72 -65.31
C PRO C 295 -8.86 -13.91 -65.55
N ASN C 296 -9.71 -14.41 -66.43
CA ASN C 296 -11.02 -13.80 -66.64
C ASN C 296 -11.90 -14.17 -65.45
N TYR C 297 -11.92 -13.29 -64.46
CA TYR C 297 -12.71 -13.49 -63.24
C TYR C 297 -14.21 -13.40 -63.56
N GLY C 298 -14.58 -12.45 -64.41
CA GLY C 298 -15.94 -12.32 -64.94
C GLY C 298 -16.07 -12.94 -66.32
N ALA D 26 -20.46 -31.02 -9.97
CA ALA D 26 -20.75 -29.54 -9.84
C ALA D 26 -19.47 -28.74 -9.61
N TYR D 27 -19.13 -27.89 -10.58
CA TYR D 27 -17.94 -27.03 -10.50
C TYR D 27 -18.24 -25.62 -10.99
N HIS D 28 -17.44 -24.67 -10.50
CA HIS D 28 -17.62 -23.25 -10.83
C HIS D 28 -16.40 -22.45 -10.37
N LYS D 29 -16.31 -21.21 -10.85
CA LYS D 29 -15.14 -20.37 -10.64
C LYS D 29 -14.90 -19.95 -9.18
N ASP D 30 -15.95 -19.97 -8.36
CA ASP D 30 -15.89 -19.64 -6.93
C ASP D 30 -15.67 -20.84 -5.99
N MET D 31 -15.44 -22.04 -6.55
CA MET D 31 -15.26 -23.23 -5.73
C MET D 31 -13.89 -23.21 -5.03
N PRO D 32 -13.74 -23.91 -3.90
CA PRO D 32 -12.46 -23.93 -3.18
C PRO D 32 -11.40 -24.82 -3.86
N LEU D 33 -10.48 -24.18 -4.58
CA LEU D 33 -9.38 -24.87 -5.26
C LEU D 33 -8.07 -24.78 -4.49
N ILE D 34 -7.14 -25.66 -4.81
CA ILE D 34 -5.79 -25.66 -4.23
C ILE D 34 -4.76 -25.76 -5.35
N PHE D 35 -3.99 -24.70 -5.57
CA PHE D 35 -2.89 -24.71 -6.53
C PHE D 35 -1.57 -24.87 -5.77
N ILE D 36 -0.89 -25.99 -5.99
CA ILE D 36 0.45 -26.20 -5.45
C ILE D 36 1.44 -25.83 -6.54
N GLY D 37 2.51 -25.15 -6.17
CA GLY D 37 3.60 -24.93 -7.10
C GLY D 37 4.89 -24.50 -6.45
N GLY D 38 5.82 -24.09 -7.29
CA GLY D 38 7.16 -23.73 -6.88
C GLY D 38 8.05 -23.86 -8.10
N VAL D 39 9.36 -23.75 -7.89
CA VAL D 39 10.32 -24.07 -8.94
C VAL D 39 10.37 -25.61 -8.98
N PRO D 40 10.52 -26.21 -10.17
CA PRO D 40 10.67 -27.66 -10.18
C PRO D 40 11.85 -28.16 -9.31
N ARG D 41 11.75 -29.41 -8.87
CA ARG D 41 12.69 -30.03 -7.94
C ARG D 41 12.68 -29.36 -6.56
N SER D 42 11.47 -29.14 -6.04
CA SER D 42 11.27 -28.48 -4.73
C SER D 42 10.27 -29.19 -3.82
N GLY D 43 10.02 -30.47 -4.08
CA GLY D 43 9.07 -31.27 -3.31
C GLY D 43 7.61 -31.06 -3.66
N THR D 44 7.32 -30.62 -4.89
CA THR D 44 5.95 -30.35 -5.32
C THR D 44 5.16 -31.63 -5.48
N THR D 45 5.76 -32.64 -6.13
CA THR D 45 5.11 -33.93 -6.35
C THR D 45 4.82 -34.64 -5.03
N LEU D 46 5.76 -34.58 -4.08
CA LEU D 46 5.53 -35.14 -2.75
C LEU D 46 4.36 -34.42 -2.06
N MET D 47 4.36 -33.10 -2.13
CA MET D 47 3.32 -32.27 -1.52
C MET D 47 1.93 -32.61 -2.06
N ARG D 48 1.82 -32.80 -3.36
CA ARG D 48 0.54 -33.15 -3.97
C ARG D 48 0.20 -34.62 -3.75
N ALA D 49 1.21 -35.48 -3.63
CA ALA D 49 1.01 -36.89 -3.31
C ALA D 49 0.44 -37.07 -1.90
N MET D 50 1.04 -36.36 -0.94
CA MET D 50 0.57 -36.37 0.45
C MET D 50 -0.85 -35.82 0.61
N LEU D 51 -1.20 -34.81 -0.18
CA LEU D 51 -2.58 -34.30 -0.20
C LEU D 51 -3.52 -35.25 -0.94
N ASP D 52 -3.08 -35.83 -2.05
CA ASP D 52 -3.86 -36.89 -2.72
C ASP D 52 -4.18 -38.09 -1.81
N ALA D 53 -3.28 -38.38 -0.86
CA ALA D 53 -3.52 -39.44 0.13
C ALA D 53 -4.71 -39.18 1.04
N HIS D 54 -5.10 -37.91 1.18
CA HIS D 54 -6.36 -37.54 1.84
C HIS D 54 -7.54 -38.07 0.99
N PRO D 55 -8.54 -38.71 1.62
CA PRO D 55 -9.66 -39.29 0.85
C PRO D 55 -10.61 -38.25 0.22
N ASP D 56 -10.73 -37.08 0.84
CA ASP D 56 -11.50 -35.93 0.30
C ASP D 56 -10.74 -34.95 -0.63
N ILE D 57 -9.46 -35.20 -0.89
CA ILE D 57 -8.68 -34.33 -1.78
C ILE D 57 -8.25 -35.10 -3.02
N ARG D 58 -8.41 -34.48 -4.18
CA ARG D 58 -7.82 -34.99 -5.43
C ARG D 58 -7.04 -33.87 -6.09
N CYS D 59 -5.81 -34.19 -6.49
CA CYS D 59 -4.92 -33.27 -7.16
C CYS D 59 -4.55 -33.80 -8.54
N GLY D 60 -3.99 -35.00 -8.56
CA GLY D 60 -3.66 -35.67 -9.81
C GLY D 60 -2.35 -35.18 -10.39
N GLU D 61 -2.08 -35.63 -11.60
CA GLU D 61 -0.78 -35.45 -12.24
C GLU D 61 -0.62 -34.04 -12.78
N GLU D 62 0.62 -33.65 -13.10
CA GLU D 62 0.88 -32.35 -13.72
C GLU D 62 0.15 -32.26 -15.05
N THR D 63 -0.72 -31.27 -15.21
CA THR D 63 -1.53 -31.14 -16.42
C THR D 63 -0.72 -30.60 -17.60
N ARG D 64 0.38 -29.87 -17.32
CA ARG D 64 1.31 -29.33 -18.33
C ARG D 64 0.76 -28.15 -19.16
N VAL D 65 -0.50 -28.23 -19.58
CA VAL D 65 -1.14 -27.17 -20.38
C VAL D 65 -1.43 -25.90 -19.59
N ILE D 66 -1.66 -26.01 -18.28
CA ILE D 66 -2.05 -24.87 -17.46
C ILE D 66 -0.98 -23.76 -17.38
N PRO D 67 0.29 -24.12 -17.10
CA PRO D 67 1.36 -23.10 -17.14
C PRO D 67 1.57 -22.45 -18.50
N ARG D 68 1.33 -23.20 -19.56
CA ARG D 68 1.59 -22.72 -20.92
C ARG D 68 0.57 -21.70 -21.39
N ILE D 69 -0.71 -22.00 -21.17
CA ILE D 69 -1.79 -21.07 -21.46
C ILE D 69 -1.75 -19.83 -20.54
N LEU D 70 -1.33 -20.02 -19.29
CA LEU D 70 -1.14 -18.89 -18.36
C LEU D 70 0.01 -18.00 -18.81
N ALA D 71 1.13 -18.62 -19.18
CA ALA D 71 2.27 -17.91 -19.75
C ALA D 71 1.87 -17.14 -21.02
N LEU D 72 1.09 -17.80 -21.87
CA LEU D 72 0.56 -17.19 -23.09
C LEU D 72 -0.30 -15.96 -22.78
N LYS D 73 -1.21 -16.10 -21.81
CA LYS D 73 -2.06 -15.01 -21.34
C LYS D 73 -1.24 -13.83 -20.78
N GLN D 74 -0.18 -14.15 -20.05
CA GLN D 74 0.69 -13.14 -19.45
C GLN D 74 1.46 -12.36 -20.52
N MET D 75 1.86 -13.02 -21.61
CA MET D 75 2.54 -12.36 -22.73
C MET D 75 1.64 -11.36 -23.47
N TRP D 76 0.37 -11.71 -23.63
CA TRP D 76 -0.62 -10.80 -24.24
C TRP D 76 -0.87 -9.55 -23.41
N SER D 77 -0.94 -9.72 -22.09
CA SER D 77 -1.24 -8.63 -21.16
C SER D 77 -0.06 -7.66 -21.00
N ARG D 78 1.13 -8.20 -20.78
CA ARG D 78 2.35 -7.40 -20.60
C ARG D 78 2.70 -6.53 -21.80
N SER D 79 2.48 -7.05 -23.00
CA SER D 79 2.69 -6.29 -24.22
C SER D 79 1.61 -5.22 -24.34
N SER D 80 1.99 -3.96 -24.08
CA SER D 80 1.08 -2.81 -24.15
C SER D 80 0.56 -2.57 -25.57
N LYS D 81 1.38 -2.91 -26.57
CA LYS D 81 0.98 -2.84 -27.97
C LYS D 81 -0.12 -3.86 -28.29
N GLU D 82 0.08 -5.11 -27.86
CA GLU D 82 -0.89 -6.19 -28.06
C GLU D 82 -2.17 -6.02 -27.22
N LYS D 83 -2.05 -5.38 -26.06
CA LYS D 83 -3.20 -5.14 -25.17
C LYS D 83 -4.20 -4.16 -25.79
N ILE D 84 -3.69 -3.14 -26.48
CA ILE D 84 -4.51 -2.17 -27.23
C ILE D 84 -5.32 -2.85 -28.33
N ARG D 85 -4.69 -3.79 -29.04
CA ARG D 85 -5.32 -4.47 -30.19
C ARG D 85 -6.44 -5.43 -29.77
N LEU D 86 -6.22 -6.14 -28.67
CA LEU D 86 -7.23 -7.04 -28.11
C LEU D 86 -8.43 -6.26 -27.53
N ASP D 87 -8.15 -5.15 -26.84
CA ASP D 87 -9.21 -4.28 -26.31
C ASP D 87 -10.04 -3.63 -27.42
N GLU D 88 -9.38 -3.20 -28.50
CA GLU D 88 -10.06 -2.68 -29.70
C GLU D 88 -10.91 -3.74 -30.42
N ALA D 89 -10.48 -5.01 -30.31
CA ALA D 89 -11.24 -6.14 -30.84
C ALA D 89 -12.43 -6.58 -29.96
N GLY D 90 -12.59 -5.97 -28.79
CA GLY D 90 -13.59 -6.40 -27.82
C GLY D 90 -13.13 -7.51 -26.88
N VAL D 91 -11.88 -7.97 -27.04
CA VAL D 91 -11.28 -9.00 -26.19
C VAL D 91 -10.62 -8.27 -25.02
N THR D 92 -11.46 -7.84 -24.08
CA THR D 92 -11.03 -7.05 -22.92
C THR D 92 -10.47 -7.98 -21.84
N ASP D 93 -10.00 -7.40 -20.75
CA ASP D 93 -9.56 -8.17 -19.58
C ASP D 93 -10.67 -9.09 -19.07
N GLU D 94 -11.88 -8.55 -18.92
CA GLU D 94 -13.03 -9.35 -18.47
C GLU D 94 -13.32 -10.56 -19.36
N VAL D 95 -13.14 -10.42 -20.67
CA VAL D 95 -13.44 -11.50 -21.64
C VAL D 95 -12.40 -12.61 -21.56
N LEU D 96 -11.13 -12.24 -21.61
CA LEU D 96 -10.02 -13.20 -21.44
C LEU D 96 -10.08 -13.92 -20.09
N ASP D 97 -10.29 -13.15 -19.03
CA ASP D 97 -10.43 -13.71 -17.68
C ASP D 97 -11.55 -14.75 -17.62
N SER D 98 -12.67 -14.44 -18.27
CA SER D 98 -13.80 -15.37 -18.36
C SER D 98 -13.46 -16.64 -19.14
N ALA D 99 -12.72 -16.48 -20.24
CA ALA D 99 -12.25 -17.61 -21.05
C ALA D 99 -11.19 -18.46 -20.35
N MET D 100 -10.25 -17.81 -19.64
CA MET D 100 -9.24 -18.53 -18.84
C MET D 100 -9.87 -19.33 -17.70
N GLN D 101 -10.84 -18.72 -17.00
CA GLN D 101 -11.62 -19.42 -15.96
C GLN D 101 -12.25 -20.71 -16.47
N ALA D 102 -12.92 -20.61 -17.61
CA ALA D 102 -13.61 -21.75 -18.20
C ALA D 102 -12.63 -22.84 -18.65
N PHE D 103 -11.56 -22.44 -19.32
CA PHE D 103 -10.51 -23.37 -19.78
C PHE D 103 -9.89 -24.14 -18.62
N LEU D 104 -9.35 -23.39 -17.65
CA LEU D 104 -8.61 -23.96 -16.53
C LEU D 104 -9.46 -24.86 -15.64
N LEU D 105 -10.72 -24.48 -15.40
CA LEU D 105 -11.68 -25.34 -14.69
C LEU D 105 -11.90 -26.67 -15.39
N GLU D 106 -12.07 -26.65 -16.71
CA GLU D 106 -12.28 -27.88 -17.48
C GLU D 106 -11.09 -28.83 -17.35
N ILE D 107 -9.88 -28.30 -17.38
CA ILE D 107 -8.69 -29.13 -17.20
C ILE D 107 -8.71 -29.68 -15.77
N ILE D 108 -8.71 -28.77 -14.81
CA ILE D 108 -8.64 -29.12 -13.38
C ILE D 108 -9.69 -30.16 -12.98
N VAL D 109 -10.93 -29.93 -13.38
CA VAL D 109 -12.06 -30.79 -13.00
C VAL D 109 -12.08 -32.12 -13.74
N LYS D 110 -11.88 -32.10 -15.07
CA LYS D 110 -12.04 -33.30 -15.90
C LYS D 110 -10.82 -34.22 -15.99
N HIS D 111 -9.61 -33.70 -15.74
CA HIS D 111 -8.38 -34.50 -15.94
C HIS D 111 -8.17 -35.61 -14.91
N GLY D 112 -8.95 -35.63 -13.85
CA GLY D 112 -8.93 -36.72 -12.87
C GLY D 112 -10.27 -36.93 -12.21
N GLU D 113 -10.28 -37.78 -11.18
CA GLU D 113 -11.51 -38.19 -10.52
C GLU D 113 -12.10 -37.03 -9.70
N PRO D 114 -13.44 -37.01 -9.52
CA PRO D 114 -14.04 -35.97 -8.70
C PRO D 114 -13.74 -36.13 -7.20
N ALA D 115 -13.73 -35.01 -6.48
CA ALA D 115 -13.51 -35.01 -5.03
C ALA D 115 -14.07 -33.73 -4.42
N PRO D 116 -14.40 -33.74 -3.11
CA PRO D 116 -14.87 -32.53 -2.43
C PRO D 116 -13.93 -31.34 -2.55
N TYR D 117 -12.62 -31.57 -2.41
CA TYR D 117 -11.61 -30.53 -2.58
C TYR D 117 -10.71 -30.87 -3.75
N LEU D 118 -10.79 -30.08 -4.81
CA LEU D 118 -9.93 -30.27 -5.98
C LEU D 118 -8.62 -29.53 -5.81
N CYS D 119 -7.58 -30.09 -6.41
CA CYS D 119 -6.24 -29.58 -6.30
C CYS D 119 -5.59 -29.61 -7.68
N ASN D 120 -4.54 -28.82 -7.85
CA ASN D 120 -3.77 -28.80 -9.08
C ASN D 120 -2.30 -28.59 -8.75
N LYS D 121 -1.42 -29.36 -9.37
CA LYS D 121 0.01 -29.16 -9.21
C LYS D 121 0.63 -28.94 -10.58
N ASP D 122 1.10 -27.72 -10.79
CA ASP D 122 1.88 -27.33 -11.97
C ASP D 122 2.85 -26.28 -11.46
N PRO D 123 4.14 -26.66 -11.23
CA PRO D 123 5.09 -25.77 -10.56
C PRO D 123 5.04 -24.31 -11.00
N PHE D 124 5.20 -24.02 -12.29
CA PHE D 124 5.23 -22.65 -12.79
C PHE D 124 3.85 -22.00 -13.00
N ALA D 125 2.76 -22.67 -12.61
CA ALA D 125 1.44 -22.02 -12.58
C ALA D 125 1.39 -20.88 -11.55
N LEU D 126 2.19 -20.99 -10.48
CA LEU D 126 2.29 -19.93 -9.47
C LEU D 126 3.08 -18.70 -9.91
N LYS D 127 3.71 -18.73 -11.09
CA LYS D 127 4.17 -17.48 -11.74
C LYS D 127 3.00 -16.56 -12.10
N SER D 128 1.79 -17.11 -12.23
CA SER D 128 0.56 -16.33 -12.35
C SER D 128 -0.33 -16.46 -11.11
N LEU D 129 0.29 -16.51 -9.92
CA LEU D 129 -0.44 -16.74 -8.66
C LEU D 129 -1.49 -15.66 -8.41
N THR D 130 -1.07 -14.41 -8.45
CA THR D 130 -1.96 -13.27 -8.21
C THR D 130 -3.13 -13.31 -9.18
N TYR D 131 -2.82 -13.53 -10.45
CA TYR D 131 -3.84 -13.65 -11.49
C TYR D 131 -4.84 -14.77 -11.18
N LEU D 132 -4.33 -15.95 -10.83
CA LEU D 132 -5.19 -17.09 -10.45
C LEU D 132 -6.02 -16.81 -9.20
N SER D 133 -5.46 -16.06 -8.26
CA SER D 133 -6.20 -15.61 -7.08
C SER D 133 -7.38 -14.68 -7.43
N ARG D 134 -7.20 -13.88 -8.48
CA ARG D 134 -8.28 -13.04 -9.00
C ARG D 134 -9.32 -13.85 -9.76
N LEU D 135 -8.88 -14.78 -10.61
CA LEU D 135 -9.79 -15.67 -11.35
C LEU D 135 -10.57 -16.63 -10.46
N PHE D 136 -9.94 -17.12 -9.40
CA PHE D 136 -10.56 -18.04 -8.45
C PHE D 136 -10.46 -17.43 -7.05
N PRO D 137 -11.46 -16.64 -6.61
CA PRO D 137 -11.38 -15.92 -5.34
C PRO D 137 -11.27 -16.78 -4.07
N ASN D 138 -11.79 -18.00 -4.12
CA ASN D 138 -11.72 -18.93 -2.98
C ASN D 138 -10.61 -19.97 -3.11
N ALA D 139 -9.72 -19.79 -4.08
CA ALA D 139 -8.54 -20.63 -4.25
C ALA D 139 -7.49 -20.27 -3.21
N LYS D 140 -6.83 -21.29 -2.69
CA LYS D 140 -5.70 -21.14 -1.78
C LYS D 140 -4.47 -21.69 -2.49
N PHE D 141 -3.29 -21.24 -2.09
CA PHE D 141 -2.05 -21.56 -2.79
C PHE D 141 -0.96 -22.06 -1.85
N LEU D 142 -0.25 -23.10 -2.27
CA LEU D 142 0.86 -23.67 -1.50
C LEU D 142 2.15 -23.53 -2.30
N LEU D 143 2.91 -22.49 -1.99
CA LEU D 143 4.20 -22.28 -2.63
C LEU D 143 5.25 -23.16 -1.95
N MET D 144 5.71 -24.19 -2.65
CA MET D 144 6.78 -25.04 -2.15
C MET D 144 8.10 -24.30 -2.27
N VAL D 145 8.87 -24.33 -1.19
CA VAL D 145 10.16 -23.66 -1.14
C VAL D 145 11.20 -24.70 -0.78
N ARG D 146 12.28 -24.76 -1.56
CA ARG D 146 13.42 -25.61 -1.24
C ARG D 146 14.68 -24.80 -1.43
N ASP D 147 15.72 -25.15 -0.69
CA ASP D 147 17.05 -24.57 -0.88
C ASP D 147 17.36 -24.63 -2.37
N GLY D 148 17.56 -23.47 -2.98
CA GLY D 148 17.94 -23.36 -4.39
C GLY D 148 19.13 -24.19 -4.81
N ARG D 149 20.06 -24.44 -3.89
CA ARG D 149 21.21 -25.32 -4.15
C ARG D 149 20.80 -26.80 -4.30
N ALA D 150 19.79 -27.21 -3.52
CA ALA D 150 19.23 -28.56 -3.64
C ALA D 150 18.43 -28.72 -4.93
N SER D 151 17.59 -27.74 -5.24
CA SER D 151 16.77 -27.77 -6.46
C SER D 151 17.61 -27.74 -7.73
N VAL D 152 18.64 -26.89 -7.74
CA VAL D 152 19.52 -26.79 -8.90
C VAL D 152 20.37 -28.05 -9.08
N HIS D 153 20.93 -28.59 -8.00
CA HIS D 153 21.68 -29.85 -8.06
C HIS D 153 20.82 -31.00 -8.58
N SER D 154 19.58 -31.07 -8.09
CA SER D 154 18.62 -32.09 -8.51
C SER D 154 18.42 -32.11 -10.02
N MET D 155 18.07 -30.96 -10.58
CA MET D 155 17.81 -30.83 -12.03
C MET D 155 19.06 -31.07 -12.89
N ILE D 156 20.24 -30.78 -12.36
CA ILE D 156 21.50 -31.05 -13.06
C ILE D 156 21.87 -32.52 -12.95
N SER D 157 21.93 -33.04 -11.73
CA SER D 157 22.29 -34.44 -11.47
C SER D 157 21.34 -35.46 -12.10
N ARG D 158 20.03 -35.17 -12.08
CA ARG D 158 19.02 -36.00 -12.73
C ARG D 158 18.72 -35.59 -14.18
N LYS D 159 19.38 -34.53 -14.66
CA LYS D 159 19.23 -34.02 -16.04
C LYS D 159 17.76 -33.69 -16.39
N VAL D 160 17.12 -32.94 -15.50
CA VAL D 160 15.73 -32.51 -15.66
C VAL D 160 15.75 -31.21 -16.46
N THR D 161 15.22 -31.27 -17.69
CA THR D 161 15.23 -30.13 -18.62
C THR D 161 14.13 -29.10 -18.33
N ILE D 162 14.53 -27.84 -18.19
CA ILE D 162 13.60 -26.72 -18.01
C ILE D 162 13.98 -25.61 -19.00
N ALA D 163 12.96 -24.93 -19.52
CA ALA D 163 13.15 -23.85 -20.50
C ALA D 163 13.82 -22.64 -19.85
N GLY D 164 14.98 -22.27 -20.39
CA GLY D 164 15.80 -21.19 -19.80
C GLY D 164 16.97 -21.70 -18.97
N PHE D 165 16.82 -22.88 -18.35
CA PHE D 165 17.84 -23.42 -17.46
C PHE D 165 18.91 -24.19 -18.25
N ASP D 166 20.15 -23.71 -18.17
CA ASP D 166 21.31 -24.36 -18.78
C ASP D 166 21.90 -25.34 -17.76
N LEU D 167 21.71 -26.64 -17.98
CA LEU D 167 22.13 -27.68 -17.04
C LEU D 167 23.65 -27.93 -17.00
N ASN D 168 24.39 -27.42 -17.98
CA ASN D 168 25.86 -27.41 -17.92
C ASN D 168 26.43 -26.37 -16.95
N SER D 169 25.61 -25.40 -16.51
CA SER D 169 26.03 -24.32 -15.60
C SER D 169 25.21 -24.27 -14.31
N TYR D 170 25.85 -24.53 -13.17
CA TYR D 170 25.23 -24.32 -11.86
C TYR D 170 24.91 -22.84 -11.59
N ARG D 171 25.74 -21.94 -12.12
CA ARG D 171 25.56 -20.49 -11.98
C ARG D 171 24.26 -20.01 -12.62
N ASP D 172 24.06 -20.39 -13.88
CA ASP D 172 22.85 -20.00 -14.63
C ASP D 172 21.58 -20.54 -13.97
N CYS D 173 21.62 -21.80 -13.55
CA CYS D 173 20.46 -22.45 -12.92
C CYS D 173 20.08 -21.80 -11.58
N LEU D 174 21.07 -21.41 -10.79
CA LEU D 174 20.83 -20.68 -9.53
C LEU D 174 20.29 -19.28 -9.73
N THR D 175 20.72 -18.64 -10.84
CA THR D 175 20.24 -17.31 -11.21
C THR D 175 18.80 -17.35 -11.67
N LYS D 176 18.47 -18.33 -12.50
CA LYS D 176 17.09 -18.52 -12.99
C LYS D 176 16.15 -19.02 -11.88
N TRP D 177 16.68 -19.85 -10.97
CA TRP D 177 15.97 -20.25 -9.75
C TRP D 177 15.65 -19.03 -8.89
N ASN D 178 16.63 -18.15 -8.72
CA ASN D 178 16.44 -16.90 -7.98
C ASN D 178 15.31 -16.04 -8.54
N ARG D 179 15.40 -15.74 -9.84
CA ARG D 179 14.39 -14.95 -10.55
C ARG D 179 12.98 -15.58 -10.45
N ALA D 180 12.92 -16.91 -10.62
CA ALA D 180 11.66 -17.64 -10.62
C ALA D 180 10.99 -17.65 -9.25
N ILE D 181 11.74 -17.97 -8.20
CA ILE D 181 11.21 -18.01 -6.84
C ILE D 181 10.85 -16.60 -6.35
N GLU D 182 11.67 -15.60 -6.71
CA GLU D 182 11.40 -14.20 -6.39
C GLU D 182 10.00 -13.76 -6.86
N THR D 183 9.67 -14.11 -8.10
CA THR D 183 8.38 -13.78 -8.70
C THR D 183 7.23 -14.43 -7.95
N MET D 184 7.35 -15.74 -7.74
CA MET D 184 6.31 -16.52 -7.08
C MET D 184 6.15 -16.08 -5.62
N TYR D 185 7.29 -15.86 -4.96
CA TYR D 185 7.32 -15.36 -3.58
C TYR D 185 6.63 -14.01 -3.46
N ASN D 186 7.01 -13.06 -4.32
CA ASN D 186 6.41 -11.71 -4.30
C ASN D 186 4.90 -11.72 -4.44
N GLN D 187 4.39 -12.62 -5.29
CA GLN D 187 2.95 -12.76 -5.50
C GLN D 187 2.26 -13.49 -4.36
N CYS D 188 2.95 -14.48 -3.78
CA CYS D 188 2.47 -15.15 -2.57
C CYS D 188 2.29 -14.14 -1.44
N MET D 189 3.29 -13.29 -1.23
CA MET D 189 3.22 -12.23 -0.23
C MET D 189 2.09 -11.23 -0.52
N GLU D 190 1.90 -10.90 -1.80
CA GLU D 190 0.87 -9.95 -2.21
C GLU D 190 -0.55 -10.40 -1.81
N VAL D 191 -0.87 -11.67 -2.07
CA VAL D 191 -2.21 -12.21 -1.76
C VAL D 191 -2.47 -12.39 -0.26
N GLY D 192 -1.41 -12.53 0.52
CA GLY D 192 -1.50 -12.61 1.98
C GLY D 192 -1.52 -14.01 2.53
N TYR D 193 -1.43 -14.13 3.86
CA TYR D 193 -1.22 -15.41 4.53
C TYR D 193 -2.43 -16.36 4.50
N LYS D 194 -3.63 -15.84 4.27
CA LYS D 194 -4.85 -16.67 4.22
C LYS D 194 -5.06 -17.31 2.84
N LYS D 195 -4.54 -16.66 1.81
CA LYS D 195 -4.63 -17.18 0.44
C LYS D 195 -3.40 -17.98 0.05
N CYS D 196 -2.20 -17.54 0.44
CA CYS D 196 -0.96 -18.24 0.10
C CYS D 196 -0.10 -18.55 1.32
N MET D 197 0.48 -19.75 1.34
CA MET D 197 1.34 -20.19 2.43
C MET D 197 2.66 -20.71 1.86
N LEU D 198 3.77 -20.22 2.40
CA LEU D 198 5.10 -20.77 2.08
C LEU D 198 5.26 -22.10 2.80
N VAL D 199 5.70 -23.12 2.06
CA VAL D 199 5.92 -24.46 2.60
C VAL D 199 7.36 -24.87 2.30
N HIS D 200 8.17 -25.01 3.35
CA HIS D 200 9.58 -25.35 3.18
C HIS D 200 9.75 -26.85 3.08
N TYR D 201 10.31 -27.29 1.96
CA TYR D 201 10.57 -28.71 1.70
C TYR D 201 11.30 -29.39 2.85
N GLU D 202 12.32 -28.72 3.36
CA GLU D 202 13.18 -29.30 4.38
C GLU D 202 12.42 -29.47 5.69
N GLN D 203 11.57 -28.50 6.00
CA GLN D 203 10.74 -28.56 7.20
C GLN D 203 9.64 -29.62 7.08
N LEU D 204 9.12 -29.84 5.87
CA LEU D 204 8.11 -30.86 5.63
C LEU D 204 8.63 -32.27 5.88
N VAL D 205 9.78 -32.60 5.29
CA VAL D 205 10.38 -33.93 5.45
C VAL D 205 10.93 -34.18 6.86
N LEU D 206 11.39 -33.12 7.52
CA LEU D 206 11.89 -33.18 8.90
C LEU D 206 10.77 -33.30 9.94
N HIS D 207 9.64 -32.66 9.68
CA HIS D 207 8.52 -32.60 10.63
C HIS D 207 7.17 -32.77 9.91
N PRO D 208 6.96 -33.94 9.25
CA PRO D 208 5.78 -34.12 8.38
C PRO D 208 4.41 -33.98 9.05
N GLU D 209 4.24 -34.55 10.24
CA GLU D 209 2.96 -34.43 10.95
C GLU D 209 2.65 -32.98 11.34
N ARG D 210 3.65 -32.27 11.88
CA ARG D 210 3.45 -30.88 12.28
C ARG D 210 2.96 -30.05 11.11
N TRP D 211 3.68 -30.11 10.00
CA TRP D 211 3.38 -29.26 8.85
C TRP D 211 2.12 -29.64 8.09
N MET D 212 1.86 -30.94 7.94
CA MET D 212 0.61 -31.39 7.32
C MET D 212 -0.61 -30.96 8.14
N ARG D 213 -0.52 -31.05 9.47
CA ARG D 213 -1.58 -30.53 10.35
C ARG D 213 -1.82 -29.03 10.18
N THR D 214 -0.73 -28.26 10.08
CA THR D 214 -0.81 -26.82 9.80
C THR D 214 -1.36 -26.55 8.40
N LEU D 215 -0.94 -27.36 7.43
CA LEU D 215 -1.36 -27.20 6.04
C LEU D 215 -2.86 -27.45 5.87
N LEU D 216 -3.34 -28.57 6.40
CA LEU D 216 -4.77 -28.88 6.33
C LEU D 216 -5.64 -27.91 7.15
N LYS D 217 -5.09 -27.35 8.23
CA LYS D 217 -5.74 -26.25 8.94
C LYS D 217 -5.76 -24.96 8.12
N PHE D 218 -4.66 -24.66 7.44
CA PHE D 218 -4.60 -23.52 6.49
C PHE D 218 -5.62 -23.70 5.36
N LEU D 219 -5.64 -24.90 4.76
CA LEU D 219 -6.59 -25.23 3.68
C LEU D 219 -8.05 -25.40 4.13
N GLN D 220 -8.29 -25.44 5.44
CA GLN D 220 -9.62 -25.60 6.04
C GLN D 220 -10.27 -26.92 5.61
N ILE D 221 -9.49 -27.98 5.77
CA ILE D 221 -9.91 -29.34 5.47
C ILE D 221 -9.66 -30.15 6.74
N PRO D 222 -10.59 -31.06 7.13
CA PRO D 222 -10.37 -31.89 8.34
C PRO D 222 -9.10 -32.72 8.29
N TRP D 223 -8.55 -33.02 9.46
CA TRP D 223 -7.33 -33.83 9.57
C TRP D 223 -7.62 -35.28 9.20
N ASN D 224 -6.66 -35.91 8.52
CA ASN D 224 -6.71 -37.33 8.19
C ASN D 224 -5.28 -37.89 8.19
N HIS D 225 -5.03 -38.89 9.03
CA HIS D 225 -3.69 -39.49 9.22
CA HIS D 225 -3.66 -39.43 9.20
C HIS D 225 -3.08 -40.10 7.95
N SER D 226 -3.93 -40.51 7.00
CA SER D 226 -3.48 -41.09 5.74
C SER D 226 -2.57 -40.19 4.89
N VAL D 227 -2.59 -38.87 5.13
CA VAL D 227 -1.62 -37.94 4.49
C VAL D 227 -0.16 -38.18 4.91
N LEU D 228 0.05 -38.87 6.02
CA LEU D 228 1.38 -39.31 6.44
C LEU D 228 1.76 -40.70 5.93
N HIS D 229 0.87 -41.36 5.18
CA HIS D 229 1.12 -42.71 4.61
C HIS D 229 0.90 -42.74 3.09
N HIS D 230 1.34 -41.68 2.39
CA HIS D 230 1.08 -41.54 0.94
C HIS D 230 1.59 -42.71 0.09
N GLU D 231 2.69 -43.34 0.53
CA GLU D 231 3.24 -44.53 -0.15
C GLU D 231 2.28 -45.74 -0.16
N GLU D 232 1.42 -45.84 0.85
CA GLU D 232 0.42 -46.91 0.95
C GLU D 232 -0.88 -46.58 0.18
N MET D 233 -1.00 -45.35 -0.30
CA MET D 233 -2.13 -44.90 -1.13
C MET D 233 -1.78 -44.77 -2.62
N ILE D 234 -0.63 -45.29 -3.05
CA ILE D 234 -0.19 -45.19 -4.45
C ILE D 234 -1.06 -46.10 -5.34
N GLY D 235 -1.65 -45.51 -6.37
CA GLY D 235 -2.49 -46.21 -7.34
C GLY D 235 -3.84 -46.70 -6.84
N LYS D 236 -4.29 -46.20 -5.68
CA LYS D 236 -5.52 -46.68 -5.04
C LYS D 236 -6.67 -45.73 -5.34
N ALA D 237 -7.88 -46.18 -5.01
CA ALA D 237 -9.11 -45.42 -5.26
C ALA D 237 -9.24 -44.27 -4.26
N GLY D 238 -9.44 -43.06 -4.78
CA GLY D 238 -9.39 -41.84 -3.97
C GLY D 238 -7.99 -41.54 -3.42
N GLY D 239 -6.96 -42.07 -4.08
CA GLY D 239 -5.58 -42.01 -3.62
C GLY D 239 -4.65 -41.33 -4.61
N VAL D 240 -3.39 -41.73 -4.61
CA VAL D 240 -2.35 -41.03 -5.36
C VAL D 240 -2.25 -41.60 -6.78
N SER D 241 -2.63 -40.80 -7.77
CA SER D 241 -2.54 -41.17 -9.18
C SER D 241 -1.24 -40.63 -9.76
N LEU D 242 -0.38 -41.53 -10.27
CA LEU D 242 0.94 -41.17 -10.79
C LEU D 242 1.03 -41.28 -12.31
N SER D 243 1.89 -40.44 -12.90
CA SER D 243 2.25 -40.52 -14.32
C SER D 243 3.57 -41.27 -14.42
N LYS D 244 3.60 -42.31 -15.25
CA LYS D 244 4.80 -43.14 -15.44
C LYS D 244 5.98 -42.42 -16.11
N VAL D 245 5.68 -41.33 -16.83
CA VAL D 245 6.71 -40.52 -17.52
C VAL D 245 7.12 -39.21 -16.80
N GLU D 246 6.56 -38.94 -15.61
CA GLU D 246 7.00 -37.80 -14.78
C GLU D 246 8.29 -38.12 -14.04
N ARG D 247 9.10 -37.08 -13.80
CA ARG D 247 10.47 -37.25 -13.29
C ARG D 247 10.60 -37.49 -11.78
N SER D 248 9.54 -37.26 -11.02
CA SER D 248 9.55 -37.45 -9.56
C SER D 248 8.90 -38.75 -9.09
N THR D 249 8.45 -39.58 -10.04
CA THR D 249 7.66 -40.78 -9.73
C THR D 249 8.44 -41.86 -8.96
N ASP D 250 9.69 -42.08 -9.34
CA ASP D 250 10.57 -43.06 -8.65
C ASP D 250 10.91 -42.73 -7.19
N GLN D 251 10.86 -41.44 -6.82
CA GLN D 251 11.10 -40.98 -5.44
C GLN D 251 9.81 -40.89 -4.59
N VAL D 252 8.72 -40.46 -5.21
CA VAL D 252 7.45 -40.25 -4.49
C VAL D 252 6.75 -41.55 -4.03
N ILE D 253 7.00 -42.66 -4.72
CA ILE D 253 6.50 -43.98 -4.29
C ILE D 253 7.08 -44.47 -2.95
N LYS D 254 8.25 -43.96 -2.58
CA LYS D 254 8.83 -44.24 -1.25
C LYS D 254 8.16 -43.40 -0.17
N PRO D 255 8.29 -43.81 1.11
CA PRO D 255 7.81 -42.95 2.21
C PRO D 255 8.61 -41.66 2.37
N VAL D 256 8.07 -40.72 3.14
CA VAL D 256 8.74 -39.45 3.43
C VAL D 256 10.06 -39.75 4.14
N ASN D 257 11.15 -39.15 3.67
CA ASN D 257 12.47 -39.30 4.30
C ASN D 257 13.29 -38.02 4.19
N VAL D 258 14.35 -37.94 4.99
CA VAL D 258 15.22 -36.75 5.04
C VAL D 258 16.49 -36.90 4.17
N GLY D 259 16.41 -37.74 3.14
CA GLY D 259 17.59 -38.18 2.38
C GLY D 259 18.03 -37.21 1.30
N ALA D 260 17.11 -36.35 0.85
CA ALA D 260 17.41 -35.40 -0.22
C ALA D 260 17.55 -33.95 0.30
N LEU D 261 17.96 -33.80 1.57
CA LEU D 261 18.17 -32.46 2.14
C LEU D 261 19.42 -31.80 1.60
N SER D 262 20.55 -32.52 1.65
CA SER D 262 21.85 -31.93 1.35
C SER D 262 22.74 -32.87 0.54
N LYS D 263 22.17 -33.41 -0.54
CA LYS D 263 22.92 -34.16 -1.56
C LYS D 263 23.72 -33.22 -2.47
N TRP D 264 23.33 -31.94 -2.49
CA TRP D 264 24.03 -30.90 -3.24
C TRP D 264 25.43 -30.54 -2.74
N VAL D 265 25.76 -30.87 -1.49
CA VAL D 265 26.98 -30.34 -0.86
C VAL D 265 28.24 -30.99 -1.48
N GLY D 266 29.25 -30.15 -1.73
CA GLY D 266 30.46 -30.57 -2.42
C GLY D 266 30.37 -30.72 -3.94
N LYS D 267 29.16 -30.58 -4.50
CA LYS D 267 28.91 -30.79 -5.94
C LYS D 267 28.88 -29.47 -6.73
N ILE D 268 28.63 -28.35 -6.05
CA ILE D 268 28.61 -27.03 -6.67
C ILE D 268 30.05 -26.52 -6.81
N PRO D 269 30.42 -25.97 -7.99
CA PRO D 269 31.79 -25.45 -8.18
C PRO D 269 32.16 -24.31 -7.22
N PRO D 270 33.46 -24.21 -6.83
CA PRO D 270 33.88 -23.24 -5.81
C PRO D 270 33.68 -21.77 -6.20
N ASP D 271 33.79 -21.46 -7.49
CA ASP D 271 33.49 -20.10 -7.98
C ASP D 271 32.01 -19.72 -7.80
N VAL D 272 31.12 -20.71 -7.93
CA VAL D 272 29.69 -20.51 -7.70
C VAL D 272 29.41 -20.39 -6.20
N LEU D 273 30.12 -21.18 -5.39
CA LEU D 273 29.96 -21.14 -3.93
C LEU D 273 30.33 -19.79 -3.31
N GLN D 274 31.45 -19.21 -3.77
CA GLN D 274 31.85 -17.88 -3.32
C GLN D 274 30.88 -16.78 -3.77
N ASP D 275 30.24 -16.95 -4.93
CA ASP D 275 29.23 -16.00 -5.45
C ASP D 275 27.77 -16.33 -5.07
N MET D 276 27.55 -17.18 -4.07
CA MET D 276 26.21 -17.70 -3.78
C MET D 276 25.20 -16.64 -3.31
N ALA D 277 25.67 -15.70 -2.48
CA ALA D 277 24.82 -14.61 -1.97
C ALA D 277 24.45 -13.60 -3.05
N VAL D 278 25.39 -13.33 -3.96
CA VAL D 278 25.17 -12.42 -5.09
C VAL D 278 24.27 -13.07 -6.14
N ILE D 279 24.53 -14.35 -6.45
CA ILE D 279 23.75 -15.09 -7.45
C ILE D 279 22.30 -15.30 -6.99
N ALA D 280 22.13 -15.75 -5.75
CA ALA D 280 20.83 -16.14 -5.23
C ALA D 280 20.54 -15.46 -3.89
N PRO D 281 20.21 -14.15 -3.92
CA PRO D 281 19.83 -13.43 -2.68
C PRO D 281 18.53 -13.88 -1.99
N MET D 282 17.70 -14.65 -2.69
N MET D 282 17.69 -14.66 -2.68
CA MET D 282 16.45 -15.20 -2.15
CA MET D 282 16.45 -15.17 -2.11
C MET D 282 16.70 -16.33 -1.16
C MET D 282 16.70 -16.33 -1.16
N LEU D 283 17.87 -16.99 -1.27
CA LEU D 283 18.29 -18.00 -0.30
C LEU D 283 18.24 -17.43 1.11
N ALA D 284 18.86 -16.27 1.31
CA ALA D 284 18.86 -15.59 2.61
C ALA D 284 17.45 -15.15 3.02
N LYS D 285 16.70 -14.53 2.11
CA LYS D 285 15.30 -14.11 2.37
C LYS D 285 14.42 -15.27 2.82
N LEU D 286 14.58 -16.42 2.17
CA LEU D 286 13.81 -17.63 2.49
C LEU D 286 14.35 -18.47 3.66
N GLY D 287 15.40 -18.00 4.33
CA GLY D 287 15.93 -18.63 5.54
C GLY D 287 17.01 -19.67 5.31
N TYR D 288 17.64 -19.64 4.13
CA TYR D 288 18.76 -20.51 3.81
C TYR D 288 20.04 -19.70 3.84
N ASP D 289 20.97 -20.06 4.73
CA ASP D 289 22.26 -19.36 4.84
C ASP D 289 23.08 -19.64 3.57
N PRO D 290 23.33 -18.61 2.74
CA PRO D 290 24.04 -18.85 1.48
C PRO D 290 25.52 -19.23 1.62
N TYR D 291 26.11 -19.05 2.80
CA TYR D 291 27.51 -19.41 3.02
CA TYR D 291 27.52 -19.38 3.08
C TYR D 291 27.70 -20.72 3.79
N ALA D 292 26.62 -21.27 4.37
CA ALA D 292 26.68 -22.57 5.06
C ALA D 292 26.58 -23.71 4.04
N ASN D 293 27.39 -24.76 4.23
CA ASN D 293 27.46 -25.92 3.33
C ASN D 293 27.38 -27.27 4.08
N PRO D 294 26.19 -27.78 4.39
CA PRO D 294 24.90 -27.11 4.18
C PRO D 294 24.50 -26.28 5.39
N PRO D 295 23.33 -25.60 5.32
CA PRO D 295 22.76 -25.01 6.53
C PRO D 295 22.28 -26.08 7.49
N ASN D 296 22.01 -25.67 8.72
CA ASN D 296 21.31 -26.53 9.67
C ASN D 296 19.81 -26.36 9.36
N TYR D 297 19.30 -27.25 8.53
CA TYR D 297 17.87 -27.28 8.19
C TYR D 297 17.03 -27.65 9.40
N GLY D 298 17.62 -28.42 10.31
CA GLY D 298 16.98 -28.88 11.54
C GLY D 298 17.12 -30.38 11.62
N LYS D 299 16.59 -30.96 12.70
CA LYS D 299 16.57 -32.40 12.90
C LYS D 299 15.22 -32.83 13.51
N PRO D 300 14.77 -34.07 13.24
CA PRO D 300 13.42 -34.49 13.65
C PRO D 300 13.25 -34.68 15.16
N GLU E 3 8.45 19.97 11.09
CA GLU E 3 8.08 18.77 11.82
C GLU E 3 8.44 17.55 10.99
N GLU E 4 8.45 19.96 11.10
N GLU E 4 8.60 16.42 11.62
CA GLU E 4 8.08 18.76 11.82
CA GLU E 4 8.96 15.20 10.92
C GLU E 4 8.44 17.55 10.97
C GLU E 4 7.91 14.14 11.13
N GLU E 5 8.66 16.42 11.59
N GLU E 5 7.91 13.14 10.29
CA GLU E 5 9.01 15.21 10.88
CA GLU E 5 6.93 12.08 10.39
C GLU E 5 7.94 14.16 10.97
C GLU E 5 6.74 11.58 11.81
N ALA E 6 8.01 13.15 10.13
N ALA E 6 7.79 11.60 12.62
CA ALA E 6 7.02 12.10 10.13
CA ALA E 6 7.76 11.16 14.00
C ALA E 6 6.81 11.61 11.55
C ALA E 6 8.59 12.10 14.89
N TYR E 7 7.84 11.75 12.38
CA TYR E 7 7.75 11.38 13.78
C TYR E 7 8.57 12.32 14.65
N GLU F 3 16.07 25.95 30.89
CA GLU F 3 14.78 26.69 31.00
C GLU F 3 15.02 28.12 31.48
N GLU F 4 15.98 26.01 30.78
N GLU F 4 14.55 29.09 30.70
CA GLU F 4 14.72 26.78 30.95
CA GLU F 4 14.70 30.50 31.04
C GLU F 4 15.02 28.20 31.43
C GLU F 4 13.66 30.91 32.08
N GLU F 5 14.47 29.19 30.73
N GLU F 5 13.64 32.19 32.43
CA GLU F 5 14.68 30.59 31.09
CA GLU F 5 12.73 32.68 33.45
C GLU F 5 13.63 31.04 32.11
C GLU F 5 11.40 33.14 32.85
N ALA F 6 13.75 32.28 32.57
N ALA F 6 11.41 33.47 31.57
CA ALA F 6 12.81 32.82 33.56
CA ALA F 6 10.18 33.67 30.82
C ALA F 6 11.45 33.12 32.92
C ALA F 6 10.24 32.98 29.46
N TYR F 7 11.46 33.47 31.63
CA TYR F 7 10.23 33.78 30.92
C TYR F 7 10.25 33.22 29.51
N GLU G 3 2.49 -7.85 -31.52
CA GLU G 3 3.28 -8.93 -32.17
C GLU G 3 3.30 -8.75 -33.69
N GLU G 4 2.48 -7.78 -31.47
N GLU G 4 2.73 -9.71 -34.41
CA GLU G 4 3.24 -8.85 -32.17
CA GLU G 4 2.68 -9.64 -35.87
C GLU G 4 3.17 -8.64 -33.69
C GLU G 4 1.25 -9.42 -36.35
N GLU G 5 2.80 -9.69 -34.41
N GLU G 5 1.12 -8.74 -37.49
CA GLU G 5 2.73 -9.62 -35.86
CA GLU G 5 -0.19 -8.34 -37.99
C GLU G 5 1.27 -9.54 -36.33
C GLU G 5 -1.15 -9.52 -38.10
N ALA G 6 1.00 -8.64 -37.26
N ALA G 6 -0.60 -10.73 -38.05
CA ALA G 6 -0.36 -8.38 -37.72
CA ALA G 6 -1.41 -11.94 -38.13
C ALA G 6 -1.12 -9.68 -38.03
C ALA G 6 -0.56 -13.19 -37.90
N TYR G 7 -0.42 -10.80 -37.89
CA TYR G 7 -1.05 -12.10 -38.10
C TYR G 7 -0.09 -13.23 -37.75
N GLU H 3 9.37 -30.24 -26.25
CA GLU H 3 8.93 -29.53 -25.07
C GLU H 3 9.64 -30.03 -23.84
N GLU H 4 9.34 -30.29 -26.32
N GLU H 4 9.92 -29.14 -22.91
CA GLU H 4 8.89 -29.54 -25.14
CA GLU H 4 10.65 -29.48 -21.69
C GLU H 4 9.63 -30.02 -23.92
C GLU H 4 9.88 -30.37 -20.72
N GLU H 5 9.90 -29.09 -23.02
N GLU H 5 10.54 -30.78 -19.65
CA GLU H 5 10.63 -29.42 -21.80
CA GLU H 5 9.87 -31.60 -18.67
C GLU H 5 9.87 -30.28 -20.80
C GLU H 5 8.97 -30.68 -17.89
N ALA H 6 10.60 -30.84 -19.85
N ALA H 6 9.49 -29.49 -17.58
CA ALA H 6 9.98 -31.63 -18.82
CA ALA H 6 8.71 -28.48 -16.87
C ALA H 6 9.11 -30.65 -18.04
C ALA H 6 8.45 -27.26 -17.75
N TYR H 7 9.60 -29.43 -17.89
CA TYR H 7 8.80 -28.33 -17.38
C TYR H 7 8.88 -27.12 -18.30
#